data_9D5J
#
_entry.id   9D5J
#
_cell.length_a   174.694
_cell.length_b   63.130
_cell.length_c   141.778
_cell.angle_alpha   90.000
_cell.angle_beta   118.232
_cell.angle_gamma   90.000
#
_symmetry.space_group_name_H-M   'C 1 2 1'
#
loop_
_entity.id
_entity.type
_entity.pdbx_description
1 polymer 'Isoform 4 of Double-stranded RNA-specific editase 1'
2 polymer 'RNA Top Strand Containing 8-azanebularine (8AZ)'
3 polymer 'RNA Bottom Strand containing deoxyinosine complementary to a guanosine adjacent to the target site'
4 non-polymer 'INOSITOL HEXAKISPHOSPHATE'
5 non-polymer 'ZINC ION'
6 non-polymer 1,2-ETHANEDIOL
7 water water
#
loop_
_entity_poly.entity_id
_entity_poly.type
_entity_poly.pdbx_seq_one_letter_code
_entity_poly.pdbx_strand_id
1 'polypeptide(L)'
;ASLAQPPLPVLPPFPPPSGKNPVMILNELRPGLKYDFLSESGESHAKSFVMSVVVDGQFFEGSGRNKKLAKARAAQSALA
AIFNLHLDQTPSRQPIPSEGLQLHLPQVLADAVSRLVLGKFGDLTDNFSSPHARRKVLAGVVMTTGTDVKDAKVISVSTG
TKCINGEYMSDRGLALNDCHAEIISRRSLLRFLYTQLELYLNNKDDQKRSIFQKSERGGFRLKENVQFHLYISTSPCGDA
RIFSPHEPILEEPADRHPNRKARGQLRTKIESGQGTIPVRSNASIQTWDGVLQGERLLTMSCSDKIARWNVVGIQGSLLS
IFVEPIYFSSIILGSLYHGDHLSRAMYQRISNIEDLPPLYTLNKPLLSGISNAEARQPGKAPNFSVNWTVGDSAIEVINA
TTGKDELGRASRLCKHALYCRWMRVHGKVPSHLLRSKITKPNVYHESKLAAKEYQAAKARLFTAFIKAGLGAWVEKPTEQ
DQFSLTP
;
A,B
2 'polyribonucleotide' GCUCGCGAUGCG(8AZ)GAGGGCUCUGAUAGCUACG C
3 'polydeoxyribonucleotide/polyribonucleotide hybrid' CGUAGCUAUCAGAGCCCCCC(DI)GCAUCGCGAGC D
#
loop_
_chem_comp.id
_chem_comp.type
_chem_comp.name
_chem_comp.formula
8AZ RNA linking 8-aza-nebularine-5'-monophosphate 'C9 H14 N5 O8 P'
A RNA linking ADENOSINE-5'-MONOPHOSPHATE 'C10 H14 N5 O7 P'
C RNA linking CYTIDINE-5'-MONOPHOSPHATE 'C9 H14 N3 O8 P'
DI DNA linking 2'-DEOXYINOSINE-5'-MONOPHOSPHATE 'C10 H13 N4 O7 P'
EDO non-polymer 1,2-ETHANEDIOL 'C2 H6 O2'
G RNA linking GUANOSINE-5'-MONOPHOSPHATE 'C10 H14 N5 O8 P'
IHP non-polymer 'INOSITOL HEXAKISPHOSPHATE' 'C6 H18 O24 P6'
U RNA linking URIDINE-5'-MONOPHOSPHATE 'C9 H13 N2 O9 P'
ZN non-polymer 'ZINC ION' 'Zn 2'
#
# COMPACT_ATOMS: atom_id res chain seq x y z
N GLN A 102 37.68 -37.43 6.60
CA GLN A 102 36.36 -37.92 6.97
C GLN A 102 35.34 -37.66 5.84
N LEU A 103 35.10 -38.67 5.00
CA LEU A 103 34.12 -38.57 3.92
C LEU A 103 32.74 -38.99 4.47
N HIS A 104 31.78 -38.05 4.45
CA HIS A 104 30.58 -38.12 5.26
C HIS A 104 29.46 -38.96 4.64
N LEU A 105 28.68 -39.62 5.51
CA LEU A 105 27.28 -39.95 5.20
C LEU A 105 26.47 -38.66 5.39
N PRO A 106 25.29 -38.54 4.72
CA PRO A 106 24.51 -37.30 4.87
C PRO A 106 24.27 -36.89 6.31
N GLN A 107 23.63 -37.73 7.11
CA GLN A 107 23.79 -37.57 8.54
C GLN A 107 25.25 -37.79 8.86
N VAL A 108 25.81 -36.88 9.65
CA VAL A 108 27.24 -36.60 9.86
C VAL A 108 27.38 -35.15 9.43
N LEU A 109 27.27 -34.90 8.13
CA LEU A 109 27.28 -33.53 7.63
C LEU A 109 26.11 -32.74 8.23
N ALA A 110 24.93 -33.37 8.29
CA ALA A 110 23.75 -32.72 8.84
C ALA A 110 24.01 -32.33 10.29
N ASP A 111 24.21 -33.34 11.15
CA ASP A 111 24.44 -33.07 12.57
C ASP A 111 25.60 -32.11 12.77
N ALA A 112 26.55 -32.14 11.84
CA ALA A 112 27.67 -31.22 11.89
C ALA A 112 27.22 -29.78 11.74
N VAL A 113 26.46 -29.48 10.67
CA VAL A 113 26.13 -28.08 10.43
C VAL A 113 25.18 -27.56 11.50
N SER A 114 24.26 -28.42 11.98
CA SER A 114 23.43 -28.03 13.11
C SER A 114 24.30 -27.64 14.29
N ARG A 115 25.25 -28.52 14.65
CA ARG A 115 26.16 -28.23 15.74
C ARG A 115 26.81 -26.88 15.54
N LEU A 116 27.35 -26.64 14.35
CA LEU A 116 28.14 -25.44 14.14
C LEU A 116 27.29 -24.20 14.34
N VAL A 117 26.10 -24.15 13.70
CA VAL A 117 25.29 -22.92 13.76
C VAL A 117 24.84 -22.67 15.19
N LEU A 118 24.47 -23.73 15.91
CA LEU A 118 24.18 -23.57 17.34
C LEU A 118 25.37 -22.94 18.07
N GLY A 119 26.56 -23.51 17.89
CA GLY A 119 27.69 -23.04 18.65
C GLY A 119 27.98 -21.59 18.37
N LYS A 120 27.95 -21.22 17.09
CA LYS A 120 28.18 -19.83 16.70
C LYS A 120 27.16 -18.93 17.36
N PHE A 121 25.89 -19.34 17.35
CA PHE A 121 24.83 -18.52 17.94
C PHE A 121 25.10 -18.30 19.42
N GLY A 122 25.44 -19.37 20.14
CA GLY A 122 25.76 -19.23 21.55
C GLY A 122 26.96 -18.33 21.78
N ASP A 123 27.97 -18.43 20.93
CA ASP A 123 29.12 -17.55 21.07
C ASP A 123 28.68 -16.10 20.96
N LEU A 124 27.82 -15.81 19.99
CA LEU A 124 27.34 -14.44 19.77
C LEU A 124 26.37 -13.95 20.85
N THR A 125 25.72 -14.86 21.59
CA THR A 125 24.75 -14.40 22.58
C THR A 125 25.13 -14.83 24.01
N ASP A 126 26.38 -14.58 24.41
CA ASP A 126 26.82 -14.76 25.80
C ASP A 126 26.54 -16.17 26.32
N ASN A 127 26.91 -17.16 25.50
CA ASN A 127 26.58 -18.56 25.76
C ASN A 127 25.09 -18.72 26.10
N PHE A 128 24.24 -18.31 25.14
CA PHE A 128 22.79 -18.46 25.24
C PHE A 128 22.24 -17.83 26.51
N SER A 129 22.96 -16.87 27.08
CA SER A 129 22.46 -16.13 28.24
C SER A 129 22.05 -14.72 27.91
N SER A 130 22.44 -14.21 26.73
CA SER A 130 22.00 -12.89 26.30
C SER A 130 20.48 -12.89 26.18
N PRO A 131 19.83 -11.75 26.45
CA PRO A 131 18.39 -11.66 26.18
C PRO A 131 18.08 -11.76 24.69
N HIS A 132 19.08 -11.51 23.83
CA HIS A 132 18.97 -11.62 22.39
C HIS A 132 19.15 -13.06 21.90
N ALA A 133 19.25 -14.01 22.83
CA ALA A 133 19.22 -15.43 22.51
C ALA A 133 17.81 -15.99 22.54
N ARG A 134 16.84 -15.16 22.94
CA ARG A 134 15.43 -15.54 22.99
C ARG A 134 14.90 -15.69 21.56
N ARG A 135 14.66 -16.94 21.14
CA ARG A 135 14.32 -17.22 19.75
C ARG A 135 13.34 -18.38 19.67
N LYS A 136 12.60 -18.45 18.56
CA LYS A 136 11.82 -19.63 18.22
C LYS A 136 12.37 -20.37 17.01
N VAL A 137 13.15 -19.71 16.16
CA VAL A 137 13.68 -20.31 14.92
C VAL A 137 15.10 -19.84 14.66
N LEU A 138 16.05 -20.76 14.76
CA LEU A 138 17.41 -20.53 14.32
C LEU A 138 17.53 -21.00 12.88
N ALA A 139 18.56 -20.51 12.20
CA ALA A 139 18.87 -20.84 10.82
C ALA A 139 20.21 -20.24 10.49
N GLY A 140 21.04 -20.97 9.78
CA GLY A 140 22.37 -20.50 9.48
C GLY A 140 22.81 -20.94 8.11
N VAL A 141 24.01 -20.53 7.73
CA VAL A 141 24.63 -20.98 6.49
C VAL A 141 26.08 -21.33 6.83
N VAL A 142 26.54 -22.49 6.37
CA VAL A 142 27.95 -22.84 6.58
C VAL A 142 28.58 -23.19 5.24
N MET A 143 29.91 -23.14 5.22
CA MET A 143 30.70 -23.40 4.03
C MET A 143 31.47 -24.69 4.18
N THR A 144 31.75 -25.36 3.07
CA THR A 144 32.72 -26.44 3.09
C THR A 144 33.67 -26.27 1.92
N THR A 145 34.91 -26.66 2.16
CA THR A 145 35.99 -26.55 1.19
C THR A 145 36.75 -27.85 1.03
N GLY A 146 36.23 -28.94 1.57
CA GLY A 146 36.87 -30.23 1.51
C GLY A 146 36.27 -31.18 2.51
N THR A 147 36.05 -32.43 2.11
CA THR A 147 35.25 -33.39 2.88
C THR A 147 36.03 -33.82 4.12
N ASP A 148 36.07 -32.91 5.10
CA ASP A 148 36.71 -33.20 6.38
C ASP A 148 36.11 -32.24 7.38
N VAL A 149 35.60 -32.78 8.49
CA VAL A 149 34.83 -32.03 9.47
C VAL A 149 35.57 -30.77 9.93
N LYS A 150 36.89 -30.75 9.75
CA LYS A 150 37.68 -29.64 10.25
C LYS A 150 37.56 -28.39 9.38
N ASP A 151 37.75 -28.53 8.07
CA ASP A 151 37.88 -27.36 7.19
C ASP A 151 36.52 -26.98 6.60
N ALA A 152 35.66 -26.46 7.48
CA ALA A 152 34.31 -26.07 7.08
C ALA A 152 33.70 -25.21 8.18
N LYS A 153 33.33 -23.97 7.85
CA LYS A 153 33.10 -22.91 8.84
C LYS A 153 31.77 -22.17 8.61
N VAL A 154 31.28 -21.50 9.66
CA VAL A 154 29.95 -20.88 9.66
C VAL A 154 30.01 -19.49 9.05
N ILE A 155 29.20 -19.26 8.00
CA ILE A 155 29.14 -17.97 7.34
C ILE A 155 28.15 -17.02 8.03
N SER A 156 27.02 -17.53 8.49
CA SER A 156 25.96 -16.64 8.94
C SER A 156 25.09 -17.35 9.95
N VAL A 157 24.44 -16.59 10.80
CA VAL A 157 23.39 -17.16 11.65
C VAL A 157 22.37 -16.08 11.97
N SER A 158 21.09 -16.45 11.99
CA SER A 158 20.02 -15.50 12.26
C SER A 158 18.86 -16.20 12.94
N THR A 159 17.95 -15.40 13.47
CA THR A 159 16.73 -15.90 14.11
C THR A 159 15.58 -15.03 13.66
N GLY A 160 14.37 -15.52 13.82
CA GLY A 160 13.19 -14.75 13.49
C GLY A 160 12.03 -15.50 12.86
N THR A 161 10.79 -15.05 13.17
CA THR A 161 9.57 -15.66 12.67
C THR A 161 8.57 -14.68 12.07
N LYS A 162 8.94 -13.41 11.85
CA LYS A 162 7.92 -12.42 11.51
C LYS A 162 8.38 -11.50 10.38
N CYS A 163 7.40 -10.76 9.81
CA CYS A 163 7.59 -9.91 8.65
C CYS A 163 7.10 -8.49 8.92
N ILE A 164 7.48 -7.55 8.06
CA ILE A 164 7.27 -6.12 8.30
C ILE A 164 5.79 -5.75 8.30
N ASN A 165 5.43 -4.78 9.14
CA ASN A 165 4.07 -4.25 9.13
C ASN A 165 3.81 -3.56 7.80
N GLY A 166 2.53 -3.56 7.41
CA GLY A 166 2.16 -2.97 6.13
C GLY A 166 2.51 -1.49 5.98
N GLU A 167 2.47 -0.74 7.07
CA GLU A 167 2.63 0.70 6.93
C GLU A 167 4.04 1.16 7.18
N TYR A 168 4.94 0.24 7.51
CA TYR A 168 6.31 0.61 7.80
C TYR A 168 7.26 0.41 6.64
N MET A 169 6.79 -0.07 5.50
CA MET A 169 7.72 -0.35 4.41
C MET A 169 8.21 0.97 3.82
N SER A 170 9.44 0.93 3.33
CA SER A 170 10.24 2.11 3.01
C SER A 170 10.39 2.22 1.50
N ASP A 171 10.24 3.43 0.96
CA ASP A 171 10.49 3.70 -0.45
C ASP A 171 11.95 4.02 -0.71
N ARG A 172 12.77 3.96 0.33
CA ARG A 172 14.21 4.17 0.23
C ARG A 172 14.99 2.92 0.56
N GLY A 173 14.34 1.76 0.63
CA GLY A 173 15.05 0.52 0.81
C GLY A 173 15.78 0.37 2.12
N LEU A 174 15.30 1.00 3.20
CA LEU A 174 15.92 0.99 4.53
C LEU A 174 15.27 0.01 5.50
N ALA A 175 14.03 -0.39 5.24
CA ALA A 175 13.32 -1.35 6.06
C ALA A 175 13.54 -2.76 5.55
N LEU A 176 13.41 -3.73 6.46
CA LEU A 176 13.57 -5.14 6.18
C LEU A 176 12.19 -5.78 6.18
N ASN A 177 11.85 -6.48 5.10
CA ASN A 177 10.48 -7.00 5.03
C ASN A 177 10.40 -8.31 5.74
N ASP A 178 11.07 -9.34 5.23
CA ASP A 178 10.89 -10.71 5.69
C ASP A 178 12.06 -11.04 6.62
N CYS A 179 11.75 -11.41 7.85
CA CYS A 179 12.76 -11.80 8.84
C CYS A 179 12.49 -13.19 9.37
N HIS A 180 11.85 -14.02 8.55
CA HIS A 180 11.94 -15.43 8.82
C HIS A 180 13.40 -15.80 8.76
N ALA A 181 13.85 -16.60 9.73
CA ALA A 181 15.28 -16.71 10.00
C ALA A 181 16.08 -17.06 8.75
N GLU A 182 15.54 -17.94 7.90
CA GLU A 182 16.30 -18.42 6.74
C GLU A 182 16.44 -17.35 5.64
N ILE A 183 15.44 -16.47 5.49
CA ILE A 183 15.56 -15.33 4.58
C ILE A 183 16.70 -14.40 5.03
N ILE A 184 16.72 -14.06 6.33
CA ILE A 184 17.80 -13.24 6.89
C ILE A 184 19.14 -13.96 6.76
N SER A 185 19.17 -15.28 6.89
CA SER A 185 20.44 -15.96 6.74
C SER A 185 21.00 -15.82 5.33
N ARG A 186 20.14 -15.93 4.31
CA ARG A 186 20.64 -15.65 2.95
C ARG A 186 21.17 -14.23 2.83
N ARG A 187 20.45 -13.24 3.38
CA ARG A 187 20.92 -11.86 3.23
C ARG A 187 22.30 -11.68 3.87
N SER A 188 22.50 -12.25 5.06
CA SER A 188 23.86 -12.32 5.60
C SER A 188 24.84 -12.94 4.61
N LEU A 189 24.45 -14.05 3.95
CA LEU A 189 25.35 -14.67 2.98
C LEU A 189 25.71 -13.71 1.85
N LEU A 190 24.77 -12.86 1.44
CA LEU A 190 25.08 -11.85 0.42
C LEU A 190 26.16 -10.90 0.91
N ARG A 191 26.05 -10.47 2.18
CA ARG A 191 27.10 -9.59 2.73
C ARG A 191 28.46 -10.27 2.66
N PHE A 192 28.51 -11.54 3.02
CA PHE A 192 29.77 -12.27 2.93
C PHE A 192 30.25 -12.36 1.48
N LEU A 193 29.33 -12.54 0.53
CA LEU A 193 29.75 -12.62 -0.88
C LEU A 193 30.37 -11.30 -1.36
N TYR A 194 29.81 -10.16 -0.96
CA TYR A 194 30.45 -8.90 -1.36
C TYR A 194 31.80 -8.72 -0.68
N THR A 195 31.92 -9.12 0.59
CA THR A 195 33.23 -9.05 1.23
C THR A 195 34.26 -9.90 0.47
N GLN A 196 33.86 -11.09 0.03
CA GLN A 196 34.79 -11.94 -0.70
C GLN A 196 35.16 -11.35 -2.07
N LEU A 197 34.22 -10.68 -2.74
CA LEU A 197 34.59 -9.96 -3.96
C LEU A 197 35.62 -8.88 -3.67
N GLU A 198 35.39 -8.07 -2.62
CA GLU A 198 36.32 -6.98 -2.35
C GLU A 198 37.69 -7.50 -1.93
N LEU A 199 37.73 -8.67 -1.28
CA LEU A 199 39.00 -9.35 -1.02
C LEU A 199 39.72 -9.71 -2.32
N TYR A 200 38.99 -10.26 -3.30
CA TYR A 200 39.64 -10.48 -4.59
C TYR A 200 40.16 -9.19 -5.17
N LEU A 201 39.41 -8.10 -5.01
CA LEU A 201 39.75 -6.85 -5.67
C LEU A 201 40.73 -5.98 -4.87
N ASN A 202 41.23 -6.48 -3.74
CA ASN A 202 42.16 -5.68 -2.94
C ASN A 202 43.56 -5.66 -3.56
N ASN A 203 44.08 -6.82 -3.98
CA ASN A 203 45.35 -6.95 -4.69
C ASN A 203 45.56 -8.40 -5.11
N LYS A 204 46.67 -8.69 -5.83
CA LYS A 204 46.91 -10.03 -6.37
C LYS A 204 47.44 -11.01 -5.31
N ASP A 205 48.17 -10.51 -4.30
CA ASP A 205 48.54 -11.35 -3.15
C ASP A 205 47.30 -11.79 -2.39
N ASP A 206 46.29 -10.92 -2.31
CA ASP A 206 45.04 -11.18 -1.60
C ASP A 206 44.08 -12.07 -2.37
N GLN A 207 44.11 -12.03 -3.71
CA GLN A 207 43.21 -12.84 -4.52
C GLN A 207 43.31 -14.31 -4.15
N LYS A 208 44.50 -14.76 -3.72
CA LYS A 208 44.73 -16.16 -3.44
C LYS A 208 43.82 -16.68 -2.34
N ARG A 209 43.35 -15.82 -1.43
CA ARG A 209 42.50 -16.25 -0.32
C ARG A 209 41.01 -16.02 -0.54
N SER A 210 40.61 -15.25 -1.55
CA SER A 210 39.20 -15.11 -1.87
C SER A 210 38.63 -16.45 -2.36
N ILE A 211 37.33 -16.65 -2.14
CA ILE A 211 36.68 -17.87 -2.62
C ILE A 211 36.27 -17.80 -4.08
N PHE A 212 36.51 -16.67 -4.74
CA PHE A 212 36.20 -16.54 -6.15
C PHE A 212 37.47 -16.60 -6.99
N GLN A 213 37.25 -16.77 -8.28
CA GLN A 213 38.28 -16.63 -9.30
C GLN A 213 37.63 -16.01 -10.52
N LYS A 214 38.44 -15.43 -11.39
CA LYS A 214 37.92 -15.09 -12.70
C LYS A 214 37.40 -16.37 -13.34
N SER A 215 36.30 -16.26 -14.08
CA SER A 215 35.76 -17.44 -14.74
C SER A 215 35.83 -17.28 -16.24
N GLU A 216 35.81 -18.42 -16.92
CA GLU A 216 36.00 -18.46 -18.36
C GLU A 216 34.87 -17.71 -19.07
N ARG A 217 33.63 -17.87 -18.60
CA ARG A 217 32.50 -17.26 -19.28
C ARG A 217 32.51 -15.73 -19.21
N GLY A 218 33.37 -15.18 -18.35
CA GLY A 218 33.35 -13.77 -18.02
C GLY A 218 33.11 -13.64 -16.53
N GLY A 219 33.35 -12.49 -15.92
CA GLY A 219 33.07 -12.35 -14.50
C GLY A 219 33.77 -13.36 -13.62
N PHE A 220 33.25 -13.57 -12.41
CA PHE A 220 33.86 -14.46 -11.42
C PHE A 220 32.99 -15.68 -11.18
N ARG A 221 33.61 -16.72 -10.63
CA ARG A 221 32.92 -17.95 -10.25
C ARG A 221 33.55 -18.46 -8.96
N LEU A 222 32.86 -19.41 -8.33
CA LEU A 222 33.39 -20.02 -7.12
C LEU A 222 34.60 -20.88 -7.45
N LYS A 223 35.55 -20.93 -6.53
CA LYS A 223 36.67 -21.85 -6.68
C LYS A 223 36.15 -23.28 -6.50
N GLU A 224 36.84 -24.24 -7.11
CA GLU A 224 36.35 -25.61 -7.02
C GLU A 224 36.34 -26.05 -5.55
N ASN A 225 35.43 -26.97 -5.24
CA ASN A 225 35.35 -27.58 -3.92
C ASN A 225 34.91 -26.63 -2.83
N VAL A 226 34.43 -25.42 -3.14
CA VAL A 226 33.76 -24.57 -2.17
C VAL A 226 32.25 -24.68 -2.38
N GLN A 227 31.50 -24.87 -1.30
CA GLN A 227 30.05 -24.97 -1.44
C GLN A 227 29.37 -24.60 -0.12
N PHE A 228 28.05 -24.41 -0.18
CA PHE A 228 27.32 -23.85 0.94
C PHE A 228 26.15 -24.73 1.33
N HIS A 229 25.77 -24.60 2.59
CA HIS A 229 24.80 -25.46 3.23
C HIS A 229 23.90 -24.56 4.05
N LEU A 230 22.59 -24.74 3.90
CA LEU A 230 21.58 -24.00 4.64
C LEU A 230 21.10 -24.84 5.80
N TYR A 231 21.09 -24.29 7.01
CA TYR A 231 20.47 -24.95 8.14
C TYR A 231 19.27 -24.13 8.58
N ILE A 232 18.21 -24.82 8.98
CA ILE A 232 17.06 -24.22 9.62
C ILE A 232 16.61 -25.11 10.77
N SER A 233 16.38 -24.50 11.94
CA SER A 233 15.92 -25.31 13.06
C SER A 233 14.59 -25.96 12.80
N THR A 234 13.80 -25.44 11.85
CA THR A 234 12.49 -26.02 11.55
C THR A 234 12.31 -26.10 10.03
N SER A 235 11.02 -26.46 9.57
CA SER A 235 10.79 -26.49 8.14
C SER A 235 10.26 -25.14 7.67
N PRO A 236 10.60 -24.77 6.42
CA PRO A 236 10.23 -23.44 5.90
C PRO A 236 8.74 -23.36 5.64
N CYS A 237 8.15 -22.22 6.00
CA CYS A 237 6.70 -22.08 5.84
C CYS A 237 6.28 -22.26 4.39
N GLY A 238 5.01 -22.42 4.17
CA GLY A 238 4.62 -22.75 2.83
C GLY A 238 4.63 -24.24 2.65
N ASP A 239 4.97 -24.70 1.45
CA ASP A 239 4.57 -26.03 1.07
C ASP A 239 5.33 -27.14 1.79
N ALA A 240 6.52 -26.89 2.30
CA ALA A 240 7.23 -27.98 2.96
C ALA A 240 6.84 -28.16 4.42
N ARG A 241 5.97 -27.30 4.97
CA ARG A 241 5.51 -27.44 6.35
C ARG A 241 3.99 -27.63 6.43
N ILE A 242 3.22 -26.73 5.81
CA ILE A 242 1.82 -26.48 6.14
C ILE A 242 1.05 -27.76 6.35
N PHE A 243 1.32 -28.78 5.53
CA PHE A 243 0.60 -30.05 5.57
C PHE A 243 0.96 -30.93 6.77
N SER A 244 2.11 -30.71 7.41
CA SER A 244 2.45 -31.41 8.65
C SER A 244 3.35 -30.54 9.50
N PRO A 245 2.78 -29.51 10.20
CA PRO A 245 3.61 -28.61 11.00
C PRO A 245 4.10 -29.26 12.28
N HIS A 246 4.05 -30.60 12.36
CA HIS A 246 4.53 -31.35 13.51
C HIS A 246 5.47 -32.45 13.05
N GLU A 247 6.14 -33.06 14.02
CA GLU A 247 7.13 -34.10 13.76
C GLU A 247 6.47 -35.32 13.10
N PRO A 248 7.18 -36.03 12.23
CA PRO A 248 6.63 -37.28 11.71
C PRO A 248 6.66 -38.33 12.80
N ILE A 249 5.49 -38.90 13.09
CA ILE A 249 5.40 -40.09 13.92
C ILE A 249 5.86 -41.25 13.05
N LEU A 250 7.03 -41.82 13.36
CA LEU A 250 7.64 -42.79 12.46
C LEU A 250 6.75 -43.99 12.21
N GLU A 251 5.79 -44.23 13.10
CA GLU A 251 4.68 -45.12 12.77
C GLU A 251 3.90 -44.58 11.56
N GLU A 252 3.54 -43.29 11.59
CA GLU A 252 2.81 -42.67 10.48
C GLU A 252 3.71 -42.58 9.27
N PRO A 253 3.38 -43.21 8.16
CA PRO A 253 4.34 -43.31 7.07
C PRO A 253 4.72 -41.97 6.48
N ALA A 254 3.76 -41.33 5.82
CA ALA A 254 4.03 -40.26 4.86
C ALA A 254 2.71 -39.71 4.31
N ASP A 255 2.78 -38.72 3.42
CA ASP A 255 1.58 -38.08 2.90
C ASP A 255 0.73 -39.08 2.15
N ARG A 256 -0.53 -39.21 2.56
CA ARG A 256 -1.45 -40.18 1.99
C ARG A 256 -2.39 -39.55 0.95
N HIS A 257 -2.13 -38.31 0.54
CA HIS A 257 -2.85 -37.68 -0.57
C HIS A 257 -1.89 -36.81 -1.36
N PRO A 258 -0.89 -37.40 -2.01
CA PRO A 258 0.07 -36.57 -2.77
C PRO A 258 -0.57 -35.72 -3.86
N ASN A 259 -1.72 -36.13 -4.38
CA ASN A 259 -2.24 -35.52 -5.59
C ASN A 259 -3.32 -34.48 -5.33
N ARG A 260 -3.71 -34.25 -4.08
CA ARG A 260 -4.58 -33.12 -3.79
C ARG A 260 -4.05 -31.87 -4.49
N LYS A 261 -4.95 -30.98 -4.92
CA LYS A 261 -4.50 -29.87 -5.76
C LYS A 261 -3.65 -28.89 -4.98
N ALA A 262 -3.80 -28.87 -3.65
CA ALA A 262 -3.06 -27.95 -2.81
C ALA A 262 -1.61 -28.35 -2.62
N ARG A 263 -1.16 -29.50 -3.13
CA ARG A 263 0.22 -29.91 -2.95
C ARG A 263 1.12 -29.15 -3.93
N GLY A 264 2.09 -28.44 -3.41
CA GLY A 264 3.01 -27.68 -4.23
C GLY A 264 2.55 -26.29 -4.63
N GLN A 265 1.36 -25.89 -4.22
CA GLN A 265 0.91 -24.54 -4.55
C GLN A 265 1.90 -23.56 -3.96
N LEU A 266 2.19 -22.50 -4.72
CA LEU A 266 2.79 -21.29 -4.16
C LEU A 266 1.84 -20.75 -3.11
N ARG A 267 2.36 -20.41 -1.94
CA ARG A 267 1.57 -19.80 -0.90
C ARG A 267 2.29 -18.59 -0.34
N THR A 268 1.54 -17.63 0.18
CA THR A 268 2.11 -16.40 0.72
C THR A 268 1.83 -16.29 2.21
N LYS A 269 2.85 -15.92 2.98
CA LYS A 269 2.59 -15.31 4.28
C LYS A 269 1.53 -14.21 4.11
N ILE A 270 0.71 -14.00 5.15
CA ILE A 270 -0.29 -12.95 5.06
C ILE A 270 -0.30 -12.12 6.35
N GLU A 271 -0.20 -10.79 6.18
CA GLU A 271 -0.17 -9.83 7.27
C GLU A 271 -1.35 -10.03 8.19
N SER A 272 -1.12 -9.86 9.50
CA SER A 272 -2.17 -9.94 10.53
C SER A 272 -3.00 -11.21 10.43
N GLY A 273 -2.40 -12.30 9.95
CA GLY A 273 -3.16 -13.53 9.77
C GLY A 273 -2.36 -14.83 9.72
N GLN A 274 -2.88 -15.87 10.37
CA GLN A 274 -2.19 -17.15 10.46
C GLN A 274 -2.08 -17.83 9.10
N GLY A 275 -1.01 -18.61 8.96
CA GLY A 275 -0.92 -19.62 7.92
C GLY A 275 -0.37 -19.04 6.62
N THR A 276 -0.11 -19.93 5.69
CA THR A 276 0.33 -19.55 4.35
C THR A 276 -0.78 -19.86 3.35
N ILE A 277 -1.37 -18.79 2.81
CA ILE A 277 -2.51 -18.78 1.90
C ILE A 277 -2.07 -19.16 0.49
N PRO A 278 -2.84 -19.94 -0.28
CA PRO A 278 -2.43 -20.21 -1.66
C PRO A 278 -2.56 -18.95 -2.48
N VAL A 279 -2.02 -19.01 -3.70
CA VAL A 279 -2.07 -17.87 -4.62
C VAL A 279 -3.22 -18.01 -5.59
N ARG A 280 -3.29 -19.18 -6.24
CA ARG A 280 -4.27 -19.65 -7.27
C ARG A 280 -4.02 -19.16 -8.69
N SER A 281 -2.91 -18.45 -8.98
CA SER A 281 -2.60 -17.88 -10.30
C SER A 281 -3.52 -16.70 -10.57
N ASN A 282 -4.51 -16.54 -9.70
CA ASN A 282 -5.22 -15.28 -9.49
C ASN A 282 -4.35 -14.51 -8.50
N ALA A 283 -3.28 -13.92 -9.06
CA ALA A 283 -2.14 -13.42 -8.30
C ALA A 283 -2.03 -11.90 -8.43
N SER A 284 -3.18 -11.22 -8.35
CA SER A 284 -3.24 -9.78 -8.57
C SER A 284 -2.30 -9.04 -7.63
N ILE A 285 -1.27 -8.41 -8.19
CA ILE A 285 -0.16 -7.88 -7.41
C ILE A 285 -0.64 -6.71 -6.56
N GLN A 286 -0.07 -6.58 -5.36
CA GLN A 286 -0.47 -5.54 -4.43
C GLN A 286 -0.02 -4.17 -4.94
N THR A 287 -0.67 -3.13 -4.44
CA THR A 287 -0.30 -1.75 -4.74
C THR A 287 0.27 -1.10 -3.49
N TRP A 288 0.84 0.09 -3.68
CA TRP A 288 1.43 0.81 -2.55
C TRP A 288 0.35 1.53 -1.77
N ASP A 289 -0.40 2.41 -2.42
CA ASP A 289 -1.50 3.09 -1.74
C ASP A 289 -2.47 2.08 -1.14
N GLY A 290 -2.74 1.00 -1.87
CA GLY A 290 -3.67 -0.01 -1.38
C GLY A 290 -3.19 -0.64 -0.08
N VAL A 291 -1.90 -0.97 -0.01
CA VAL A 291 -1.36 -1.59 1.22
C VAL A 291 -1.38 -0.59 2.36
N LEU A 292 -0.94 0.64 2.11
CA LEU A 292 -1.01 1.65 3.17
C LEU A 292 -2.41 1.78 3.74
N GLN A 293 -3.45 1.65 2.90
CA GLN A 293 -4.85 1.76 3.30
C GLN A 293 -5.45 0.42 3.76
N GLY A 294 -4.63 -0.54 4.16
CA GLY A 294 -5.14 -1.66 4.91
C GLY A 294 -5.32 -2.96 4.15
N GLU A 295 -5.18 -2.95 2.84
CA GLU A 295 -5.04 -4.21 2.10
C GLU A 295 -3.83 -4.93 2.67
N ARG A 296 -3.96 -6.24 2.93
CA ARG A 296 -2.93 -6.93 3.70
C ARG A 296 -1.73 -7.30 2.83
N LEU A 297 -0.55 -7.23 3.43
CA LEU A 297 0.70 -7.28 2.68
C LEU A 297 1.15 -8.71 2.49
N LEU A 298 1.38 -9.08 1.23
CA LEU A 298 1.68 -10.46 0.88
C LEU A 298 3.17 -10.66 0.62
N THR A 299 3.67 -11.76 1.17
CA THR A 299 5.08 -12.09 1.12
C THR A 299 5.18 -13.58 0.82
N MET A 300 5.89 -13.95 -0.25
CA MET A 300 5.92 -15.35 -0.61
C MET A 300 6.51 -16.17 0.54
N SER A 301 5.93 -17.36 0.74
CA SER A 301 6.35 -18.28 1.78
C SER A 301 7.78 -18.76 1.57
N CYS A 302 8.39 -19.21 2.67
CA CYS A 302 9.83 -19.48 2.63
C CYS A 302 10.18 -20.70 1.79
N SER A 303 9.30 -21.71 1.73
CA SER A 303 9.50 -22.82 0.79
C SER A 303 9.41 -22.31 -0.64
N ASP A 304 8.51 -21.37 -0.90
CA ASP A 304 8.50 -20.74 -2.21
C ASP A 304 9.81 -20.00 -2.50
N LYS A 305 10.33 -19.25 -1.53
CA LYS A 305 11.61 -18.60 -1.82
C LYS A 305 12.71 -19.63 -1.98
N ILE A 306 12.63 -20.76 -1.28
CA ILE A 306 13.78 -21.64 -1.40
C ILE A 306 13.73 -22.39 -2.72
N ALA A 307 12.53 -22.69 -3.22
CA ALA A 307 12.44 -23.16 -4.62
C ALA A 307 13.00 -22.11 -5.58
N ARG A 308 12.68 -20.82 -5.34
CA ARG A 308 13.18 -19.77 -6.23
C ARG A 308 14.71 -19.72 -6.18
N TRP A 309 15.29 -19.76 -4.98
CA TRP A 309 16.75 -19.86 -4.90
C TRP A 309 17.28 -21.15 -5.48
N ASN A 310 16.44 -22.18 -5.62
CA ASN A 310 16.92 -23.40 -6.20
C ASN A 310 16.90 -23.40 -7.73
N VAL A 311 16.23 -22.44 -8.35
CA VAL A 311 16.30 -22.29 -9.81
C VAL A 311 17.19 -21.13 -10.23
N VAL A 312 17.18 -20.00 -9.52
CA VAL A 312 17.98 -18.83 -9.90
C VAL A 312 19.20 -18.66 -9.00
N GLY A 313 19.54 -19.65 -8.20
CA GLY A 313 20.68 -19.44 -7.31
C GLY A 313 20.26 -18.62 -6.09
N ILE A 314 21.26 -18.05 -5.40
CA ILE A 314 21.01 -17.40 -4.13
C ILE A 314 21.56 -15.98 -4.04
N GLN A 315 22.17 -15.47 -5.11
CA GLN A 315 22.84 -14.17 -5.13
C GLN A 315 21.96 -13.03 -5.63
N GLY A 316 20.74 -13.29 -6.06
CA GLY A 316 19.91 -12.20 -6.53
C GLY A 316 20.42 -11.70 -7.87
N SER A 317 19.89 -10.55 -8.29
CA SER A 317 20.27 -10.07 -9.61
C SER A 317 21.51 -9.17 -9.56
N LEU A 318 21.57 -8.27 -8.57
CA LEU A 318 22.70 -7.34 -8.55
C LEU A 318 24.03 -8.09 -8.47
N LEU A 319 24.13 -9.05 -7.54
CA LEU A 319 25.33 -9.86 -7.48
C LEU A 319 25.50 -10.75 -8.69
N SER A 320 24.40 -11.14 -9.34
CA SER A 320 24.56 -11.99 -10.50
C SER A 320 25.21 -11.25 -11.65
N ILE A 321 25.12 -9.91 -11.63
CA ILE A 321 25.81 -9.11 -12.64
C ILE A 321 27.32 -9.35 -12.58
N PHE A 322 27.83 -9.95 -11.49
CA PHE A 322 29.25 -10.28 -11.35
C PHE A 322 29.57 -11.77 -11.35
N VAL A 323 28.68 -12.61 -10.81
CA VAL A 323 29.03 -13.96 -10.37
C VAL A 323 28.11 -14.98 -11.01
N GLU A 324 28.70 -16.05 -11.56
CA GLU A 324 27.92 -17.19 -12.01
C GLU A 324 27.04 -17.70 -10.86
N PRO A 325 25.81 -18.15 -11.13
CA PRO A 325 24.85 -18.33 -10.03
C PRO A 325 25.33 -19.40 -9.06
N ILE A 326 24.98 -19.19 -7.79
CA ILE A 326 25.48 -20.01 -6.69
C ILE A 326 24.31 -20.69 -6.03
N TYR A 327 24.39 -22.01 -5.88
CA TYR A 327 23.28 -22.76 -5.31
C TYR A 327 23.70 -23.46 -4.03
N PHE A 328 22.74 -23.61 -3.12
CA PHE A 328 22.98 -24.48 -1.97
C PHE A 328 23.17 -25.93 -2.40
N SER A 329 23.95 -26.63 -1.60
CA SER A 329 24.22 -28.03 -1.86
C SER A 329 23.45 -28.95 -0.94
N SER A 330 23.18 -28.52 0.29
CA SER A 330 22.39 -29.31 1.21
C SER A 330 21.45 -28.39 1.99
N ILE A 331 20.33 -28.95 2.45
CA ILE A 331 19.39 -28.22 3.27
C ILE A 331 19.09 -29.06 4.50
N ILE A 332 19.59 -28.63 5.66
CA ILE A 332 19.50 -29.41 6.89
C ILE A 332 18.42 -28.83 7.80
N LEU A 333 17.44 -29.66 8.19
CA LEU A 333 16.34 -29.22 9.04
C LEU A 333 16.51 -29.75 10.45
N GLY A 334 16.38 -28.86 11.43
CA GLY A 334 16.46 -29.25 12.84
C GLY A 334 15.16 -29.77 13.43
N SER A 335 14.04 -29.62 12.75
CA SER A 335 12.80 -30.19 13.25
C SER A 335 11.74 -30.19 12.13
N LEU A 336 10.69 -30.98 12.35
CA LEU A 336 9.55 -31.08 11.46
C LEU A 336 9.93 -31.61 10.08
N TYR A 337 11.02 -32.38 10.00
CA TYR A 337 11.53 -32.81 8.71
C TYR A 337 10.64 -33.91 8.13
N HIS A 338 9.94 -33.60 7.03
CA HIS A 338 9.16 -34.57 6.28
C HIS A 338 9.77 -34.69 4.90
N GLY A 339 10.40 -35.84 4.62
CA GLY A 339 11.18 -35.97 3.40
C GLY A 339 10.39 -35.72 2.13
N ASP A 340 9.15 -36.20 2.07
CA ASP A 340 8.37 -36.06 0.84
C ASP A 340 7.91 -34.61 0.64
N HIS A 341 7.40 -33.97 1.70
CA HIS A 341 7.00 -32.57 1.57
C HIS A 341 8.18 -31.70 1.18
N LEU A 342 9.30 -31.83 1.88
CA LEU A 342 10.47 -31.00 1.59
C LEU A 342 10.99 -31.28 0.18
N SER A 343 11.13 -32.55 -0.20
CA SER A 343 11.61 -32.81 -1.54
C SER A 343 10.66 -32.26 -2.60
N ARG A 344 9.35 -32.27 -2.35
CA ARG A 344 8.41 -31.66 -3.28
C ARG A 344 8.63 -30.16 -3.33
N ALA A 345 8.73 -29.54 -2.17
CA ALA A 345 8.71 -28.09 -2.12
C ALA A 345 10.05 -27.46 -2.46
N MET A 346 11.13 -28.23 -2.52
CA MET A 346 12.42 -27.64 -2.88
C MET A 346 12.66 -27.63 -4.38
N TYR A 347 12.50 -28.75 -5.03
CA TYR A 347 12.73 -28.84 -6.46
C TYR A 347 11.65 -29.61 -7.21
N GLN A 348 11.07 -30.63 -6.60
CA GLN A 348 10.31 -31.57 -7.42
C GLN A 348 9.08 -30.92 -8.06
N ARG A 349 8.40 -30.01 -7.34
CA ARG A 349 7.28 -29.23 -7.90
C ARG A 349 7.51 -28.84 -9.36
N ILE A 350 8.67 -28.26 -9.63
CA ILE A 350 8.87 -27.58 -10.87
C ILE A 350 9.84 -28.38 -11.74
N SER A 351 9.90 -29.70 -11.55
CA SER A 351 10.73 -30.44 -12.50
C SER A 351 10.17 -30.41 -13.93
N ASN A 352 9.15 -29.60 -14.22
CA ASN A 352 8.69 -29.36 -15.58
C ASN A 352 9.38 -28.18 -16.24
N ILE A 353 10.38 -27.60 -15.58
CA ILE A 353 10.94 -26.35 -16.05
C ILE A 353 11.92 -26.63 -17.19
N GLU A 354 11.99 -25.71 -18.16
CA GLU A 354 12.83 -25.90 -19.33
C GLU A 354 13.23 -24.53 -19.86
N ASP A 355 14.12 -24.54 -20.85
CA ASP A 355 14.69 -23.33 -21.45
C ASP A 355 15.30 -22.41 -20.39
N LEU A 356 16.03 -23.00 -19.43
CA LEU A 356 16.76 -22.10 -18.54
C LEU A 356 18.00 -21.51 -19.24
N PRO A 357 18.30 -20.23 -19.01
CA PRO A 357 19.58 -19.64 -19.45
C PRO A 357 20.73 -20.50 -18.99
N PRO A 358 21.87 -20.47 -19.69
CA PRO A 358 22.93 -21.40 -19.35
C PRO A 358 23.52 -21.05 -18.01
N LEU A 359 24.16 -22.04 -17.39
CA LEU A 359 24.73 -21.94 -16.05
C LEU A 359 23.66 -21.99 -14.98
N TYR A 360 22.39 -21.86 -15.37
CA TYR A 360 21.30 -22.03 -14.43
C TYR A 360 20.68 -23.39 -14.60
N THR A 361 20.16 -23.94 -13.51
CA THR A 361 19.65 -25.29 -13.55
C THR A 361 18.63 -25.44 -12.44
N LEU A 362 18.01 -26.63 -12.35
CA LEU A 362 17.06 -26.90 -11.28
C LEU A 362 17.86 -27.60 -10.19
N ASN A 363 18.43 -26.86 -9.26
CA ASN A 363 19.36 -27.48 -8.33
C ASN A 363 18.59 -28.31 -7.33
N LYS A 364 18.85 -29.62 -7.31
CA LYS A 364 18.24 -30.49 -6.32
C LYS A 364 19.21 -30.80 -5.18
N PRO A 365 19.27 -30.00 -4.12
CA PRO A 365 20.31 -30.17 -3.11
C PRO A 365 19.99 -31.35 -2.20
N LEU A 366 20.97 -31.74 -1.41
CA LEU A 366 20.71 -32.75 -0.39
C LEU A 366 19.80 -32.16 0.67
N LEU A 367 18.71 -32.85 0.97
CA LEU A 367 17.86 -32.51 2.11
C LEU A 367 18.09 -33.57 3.18
N SER A 368 18.40 -33.15 4.40
CA SER A 368 18.54 -34.09 5.50
C SER A 368 18.01 -33.47 6.78
N GLY A 369 17.50 -34.31 7.67
CA GLY A 369 17.21 -33.90 9.03
C GLY A 369 18.36 -34.30 9.93
N ILE A 370 18.42 -33.68 11.10
CA ILE A 370 19.48 -33.95 12.07
C ILE A 370 19.16 -35.25 12.78
N SER A 371 20.09 -35.73 13.62
CA SER A 371 19.83 -36.95 14.38
C SER A 371 18.74 -36.75 15.44
N ASN A 372 18.89 -35.70 16.25
CA ASN A 372 17.98 -35.44 17.37
C ASN A 372 17.49 -34.01 17.29
N ALA A 373 16.17 -33.84 17.18
CA ALA A 373 15.53 -32.59 16.79
C ALA A 373 15.75 -31.49 17.82
N GLU A 374 15.66 -30.24 17.35
CA GLU A 374 15.60 -29.07 18.24
C GLU A 374 14.23 -29.00 18.89
N ALA A 375 14.21 -28.79 20.20
CA ALA A 375 12.97 -28.90 20.95
C ALA A 375 12.21 -27.59 20.93
N ARG A 376 10.87 -27.70 20.98
CA ARG A 376 10.02 -26.52 20.95
C ARG A 376 10.46 -25.54 22.04
N GLN A 377 10.64 -24.30 21.64
CA GLN A 377 10.96 -23.27 22.62
C GLN A 377 9.67 -22.78 23.25
N PRO A 378 9.50 -22.92 24.56
CA PRO A 378 8.29 -22.40 25.20
C PRO A 378 8.39 -20.90 25.39
N GLY A 379 7.22 -20.24 25.39
CA GLY A 379 7.10 -18.82 25.63
C GLY A 379 6.55 -18.10 24.41
N LYS A 380 6.47 -16.76 24.52
CA LYS A 380 6.04 -15.95 23.40
C LYS A 380 7.14 -15.87 22.34
N ALA A 381 6.72 -15.78 21.08
CA ALA A 381 7.68 -15.65 20.00
C ALA A 381 8.22 -14.22 19.95
N PRO A 382 9.53 -14.04 20.01
CA PRO A 382 10.09 -12.68 19.98
C PRO A 382 9.74 -11.96 18.69
N ASN A 383 9.53 -10.65 18.79
CA ASN A 383 9.30 -9.80 17.62
C ASN A 383 10.58 -9.27 17.02
N PHE A 384 11.73 -9.68 17.51
CA PHE A 384 12.99 -9.25 16.90
C PHE A 384 13.59 -10.39 16.10
N SER A 385 14.61 -10.05 15.33
CA SER A 385 15.38 -11.01 14.56
C SER A 385 16.81 -10.58 14.60
N VAL A 386 17.67 -11.44 15.07
CA VAL A 386 19.10 -11.14 15.10
C VAL A 386 19.74 -11.75 13.86
N ASN A 387 20.84 -11.14 13.44
CA ASN A 387 21.58 -11.57 12.27
C ASN A 387 23.07 -11.34 12.45
N TRP A 388 23.87 -12.26 11.91
CA TRP A 388 25.32 -12.21 11.98
C TRP A 388 25.88 -12.82 10.70
N THR A 389 26.78 -12.09 10.06
CA THR A 389 27.60 -12.61 8.97
C THR A 389 28.99 -12.90 9.51
N VAL A 390 29.69 -13.87 8.92
CA VAL A 390 31.04 -14.13 9.40
C VAL A 390 31.88 -12.89 9.21
N GLY A 391 32.90 -12.72 10.06
CA GLY A 391 33.72 -11.53 10.11
C GLY A 391 32.98 -10.29 10.56
N ASP A 392 32.13 -10.40 11.57
CA ASP A 392 31.39 -9.29 12.12
C ASP A 392 31.69 -9.18 13.60
N SER A 393 31.81 -7.94 14.09
CA SER A 393 32.06 -7.73 15.51
C SER A 393 31.02 -8.45 16.36
N ALA A 394 29.72 -8.24 16.09
CA ALA A 394 28.71 -8.95 16.87
C ALA A 394 27.36 -8.94 16.12
N ILE A 395 26.33 -9.44 16.80
CA ILE A 395 25.01 -9.59 16.22
C ILE A 395 24.41 -8.22 15.93
N GLU A 396 23.43 -8.21 15.05
CA GLU A 396 22.56 -7.06 14.86
C GLU A 396 21.12 -7.49 15.15
N VAL A 397 20.32 -6.62 15.75
CA VAL A 397 18.97 -7.01 16.15
C VAL A 397 17.95 -6.06 15.54
N ILE A 398 17.10 -6.59 14.68
CA ILE A 398 16.12 -5.81 13.93
C ILE A 398 14.75 -6.16 14.46
N ASN A 399 13.92 -5.14 14.61
CA ASN A 399 12.53 -5.34 14.95
C ASN A 399 11.81 -5.83 13.70
N ALA A 400 11.17 -7.00 13.79
CA ALA A 400 10.61 -7.61 12.60
C ALA A 400 9.52 -6.75 12.00
N THR A 401 8.64 -6.19 12.85
CA THR A 401 7.46 -5.49 12.35
C THR A 401 7.79 -4.10 11.79
N THR A 402 8.97 -3.56 12.08
CA THR A 402 9.38 -2.32 11.45
C THR A 402 10.41 -2.51 10.36
N GLY A 403 11.21 -3.58 10.45
CA GLY A 403 12.31 -3.75 9.54
C GLY A 403 13.51 -2.90 9.87
N LYS A 404 13.55 -2.31 11.05
CA LYS A 404 14.68 -1.49 11.48
C LYS A 404 15.04 -1.87 12.90
N ASP A 405 16.20 -1.39 13.38
CA ASP A 405 16.69 -1.78 14.70
C ASP A 405 15.89 -1.04 15.78
N GLU A 406 16.33 -1.17 17.04
CA GLU A 406 15.47 -0.64 18.10
C GLU A 406 15.46 0.89 18.13
N LEU A 407 16.47 1.54 17.54
CA LEU A 407 16.55 2.99 17.49
C LEU A 407 16.14 3.55 16.14
N GLY A 408 15.57 2.73 15.26
CA GLY A 408 15.05 3.21 13.99
C GLY A 408 16.05 3.30 12.86
N ARG A 409 17.29 2.89 13.08
CA ARG A 409 18.35 3.00 12.07
C ARG A 409 18.34 1.77 11.15
N ALA A 410 18.64 1.99 9.87
CA ALA A 410 18.45 0.90 8.91
C ALA A 410 19.44 -0.24 9.15
N SER A 411 19.11 -1.39 8.58
CA SER A 411 19.91 -2.57 8.82
C SER A 411 21.00 -2.76 7.78
N ARG A 412 22.11 -3.35 8.23
CA ARG A 412 23.23 -3.70 7.35
C ARG A 412 22.78 -4.71 6.31
N LEU A 413 21.51 -5.11 6.36
CA LEU A 413 20.94 -6.07 5.43
C LEU A 413 19.85 -5.50 4.51
N CYS A 414 19.52 -4.21 4.59
CA CYS A 414 18.34 -3.84 3.81
C CYS A 414 18.71 -3.61 2.35
N LYS A 415 17.67 -3.48 1.52
CA LYS A 415 17.91 -3.20 0.11
C LYS A 415 18.95 -2.10 -0.07
N HIS A 416 18.85 -1.04 0.73
CA HIS A 416 19.72 0.12 0.53
C HIS A 416 21.17 -0.19 0.88
N ALA A 417 21.41 -0.79 2.04
CA ALA A 417 22.77 -1.17 2.42
C ALA A 417 23.41 -2.04 1.36
N LEU A 418 22.66 -3.04 0.87
CA LEU A 418 23.24 -3.95 -0.11
C LEU A 418 23.47 -3.25 -1.43
N TYR A 419 22.58 -2.33 -1.81
CA TYR A 419 22.81 -1.53 -3.02
C TYR A 419 24.08 -0.72 -2.90
N CYS A 420 24.35 -0.19 -1.70
CA CYS A 420 25.61 0.51 -1.47
C CYS A 420 26.81 -0.42 -1.63
N ARG A 421 26.75 -1.59 -0.99
CA ARG A 421 27.81 -2.60 -1.18
C ARG A 421 28.03 -2.88 -2.67
N TRP A 422 26.94 -3.18 -3.37
CA TRP A 422 27.00 -3.45 -4.80
C TRP A 422 27.64 -2.31 -5.58
N MET A 423 27.32 -1.07 -5.20
CA MET A 423 27.92 0.07 -5.88
C MET A 423 29.43 0.14 -5.60
N ARG A 424 29.83 -0.17 -4.36
CA ARG A 424 31.25 -0.19 -4.01
C ARG A 424 32.01 -1.16 -4.88
N VAL A 425 31.47 -2.36 -5.06
CA VAL A 425 32.17 -3.31 -5.92
C VAL A 425 32.09 -2.86 -7.36
N HIS A 426 30.92 -2.38 -7.79
CA HIS A 426 30.78 -2.01 -9.19
C HIS A 426 31.87 -1.06 -9.60
N GLY A 427 32.03 0.03 -8.85
CA GLY A 427 33.06 1.02 -9.16
C GLY A 427 34.47 0.46 -9.25
N LYS A 428 34.69 -0.81 -8.93
CA LYS A 428 35.99 -1.41 -8.97
C LYS A 428 36.11 -2.53 -9.99
N VAL A 429 35.02 -2.99 -10.60
CA VAL A 429 35.04 -4.12 -11.54
C VAL A 429 35.15 -3.55 -12.96
N PRO A 430 36.22 -3.88 -13.69
CA PRO A 430 36.38 -3.37 -15.06
C PRO A 430 35.24 -3.80 -15.96
N SER A 431 34.84 -2.91 -16.85
CA SER A 431 33.77 -3.19 -17.79
C SER A 431 34.00 -4.47 -18.60
N HIS A 432 35.23 -5.02 -18.63
CA HIS A 432 35.47 -6.26 -19.35
C HIS A 432 35.17 -7.50 -18.52
N LEU A 433 35.33 -7.42 -17.20
CA LEU A 433 35.01 -8.49 -16.26
C LEU A 433 33.54 -8.52 -15.83
N LEU A 434 32.68 -7.71 -16.46
CA LEU A 434 31.27 -7.69 -16.12
C LEU A 434 30.54 -8.79 -16.86
N ARG A 435 29.61 -9.47 -16.17
CA ARG A 435 28.83 -10.52 -16.83
C ARG A 435 27.64 -9.95 -17.60
N SER A 436 27.27 -8.70 -17.35
CA SER A 436 26.36 -7.99 -18.23
C SER A 436 26.90 -6.59 -18.43
N LYS A 437 27.18 -6.25 -19.68
CA LYS A 437 27.55 -4.89 -20.03
C LYS A 437 26.32 -4.04 -20.31
N ILE A 438 25.16 -4.40 -19.76
CA ILE A 438 23.94 -3.64 -19.95
C ILE A 438 23.96 -2.42 -19.04
N THR A 439 23.85 -1.23 -19.64
CA THR A 439 23.81 0.01 -18.87
C THR A 439 22.39 0.25 -18.41
N LYS A 440 22.21 0.49 -17.12
CA LYS A 440 20.91 0.83 -16.56
C LYS A 440 21.10 1.92 -15.54
N PRO A 441 20.12 2.81 -15.37
CA PRO A 441 20.28 3.95 -14.48
C PRO A 441 20.53 3.51 -13.05
N ASN A 442 21.27 4.34 -12.31
CA ASN A 442 21.66 3.99 -10.95
C ASN A 442 20.51 4.26 -9.98
N VAL A 443 19.40 3.53 -10.22
CA VAL A 443 18.27 3.41 -9.29
C VAL A 443 17.94 1.93 -9.13
N TYR A 444 17.48 1.55 -7.94
CA TYR A 444 17.60 0.17 -7.49
C TYR A 444 16.91 -0.80 -8.45
N HIS A 445 15.64 -0.53 -8.71
CA HIS A 445 14.86 -1.36 -9.61
C HIS A 445 15.57 -1.55 -10.95
N GLU A 446 16.00 -0.45 -11.57
CA GLU A 446 16.64 -0.52 -12.88
C GLU A 446 17.91 -1.34 -12.83
N SER A 447 18.81 -1.03 -11.89
CA SER A 447 20.05 -1.76 -11.77
C SER A 447 19.81 -3.25 -11.72
N LYS A 448 18.82 -3.67 -10.92
CA LYS A 448 18.40 -5.07 -10.97
C LYS A 448 18.08 -5.48 -12.41
N LEU A 449 17.30 -4.66 -13.13
CA LEU A 449 16.91 -5.05 -14.49
C LEU A 449 18.11 -5.31 -15.40
N ALA A 450 19.25 -4.66 -15.12
CA ALA A 450 20.42 -4.91 -15.97
C ALA A 450 20.86 -6.38 -15.98
N ALA A 451 20.29 -7.25 -15.14
CA ALA A 451 20.70 -8.67 -15.06
C ALA A 451 19.82 -9.50 -15.98
N LYS A 452 20.13 -9.46 -17.27
CA LYS A 452 19.27 -10.07 -18.30
C LYS A 452 19.07 -11.57 -18.07
N GLU A 453 20.17 -12.34 -17.97
CA GLU A 453 20.05 -13.79 -17.79
C GLU A 453 19.27 -14.15 -16.54
N TYR A 454 19.57 -13.49 -15.41
CA TYR A 454 18.87 -13.81 -14.17
C TYR A 454 17.38 -13.52 -14.29
N GLN A 455 17.00 -12.39 -14.91
CA GLN A 455 15.58 -12.10 -15.08
C GLN A 455 14.93 -13.12 -16.00
N ALA A 456 15.66 -13.61 -17.00
CA ALA A 456 15.15 -14.70 -17.85
C ALA A 456 14.90 -15.96 -17.03
N ALA A 457 15.88 -16.37 -16.23
CA ALA A 457 15.73 -17.59 -15.44
C ALA A 457 14.62 -17.43 -14.43
N LYS A 458 14.45 -16.23 -13.89
CA LYS A 458 13.32 -15.94 -13.03
C LYS A 458 11.98 -16.13 -13.77
N ALA A 459 11.88 -15.58 -14.98
CA ALA A 459 10.63 -15.72 -15.73
C ALA A 459 10.35 -17.19 -16.06
N ARG A 460 11.40 -17.96 -16.34
CA ARG A 460 11.23 -19.39 -16.59
C ARG A 460 10.69 -20.10 -15.35
N LEU A 461 11.27 -19.83 -14.19
CA LEU A 461 10.73 -20.35 -12.94
C LEU A 461 9.26 -19.97 -12.77
N PHE A 462 8.93 -18.70 -13.07
CA PHE A 462 7.59 -18.20 -12.84
C PHE A 462 6.57 -18.94 -13.68
N THR A 463 6.86 -19.14 -14.97
CA THR A 463 5.93 -19.90 -15.79
C THR A 463 6.00 -21.40 -15.47
N ALA A 464 7.13 -21.88 -14.94
CA ALA A 464 7.14 -23.27 -14.47
C ALA A 464 6.10 -23.48 -13.39
N PHE A 465 6.06 -22.55 -12.44
CA PHE A 465 5.05 -22.59 -11.39
C PHE A 465 3.65 -22.35 -11.95
N ILE A 466 3.50 -21.42 -12.90
CA ILE A 466 2.17 -21.16 -13.45
C ILE A 466 1.66 -22.38 -14.20
N LYS A 467 2.47 -22.93 -15.11
CA LYS A 467 2.07 -24.08 -15.93
C LYS A 467 1.89 -25.35 -15.09
N ALA A 468 2.67 -25.50 -14.01
CA ALA A 468 2.37 -26.67 -13.19
C ALA A 468 1.03 -26.56 -12.52
N GLY A 469 0.21 -25.54 -12.81
CA GLY A 469 -1.01 -25.33 -12.06
C GLY A 469 -0.83 -24.81 -10.65
N LEU A 470 0.30 -24.18 -10.37
CA LEU A 470 0.68 -23.85 -9.01
C LEU A 470 0.66 -22.35 -8.74
N GLY A 471 -0.13 -21.60 -9.50
CA GLY A 471 -0.27 -20.20 -9.21
C GLY A 471 0.91 -19.40 -9.72
N ALA A 472 0.77 -18.08 -9.62
CA ALA A 472 1.76 -17.17 -10.15
C ALA A 472 2.33 -16.33 -9.03
N TRP A 473 3.64 -16.11 -9.08
CA TRP A 473 4.38 -15.38 -8.06
C TRP A 473 3.76 -14.04 -7.71
N VAL A 474 4.08 -13.50 -6.54
CA VAL A 474 3.43 -12.30 -6.02
C VAL A 474 4.52 -11.27 -5.68
N GLU A 475 4.79 -10.37 -6.62
CA GLU A 475 5.79 -9.32 -6.45
C GLU A 475 5.32 -8.29 -5.42
N LYS A 476 6.27 -7.53 -4.87
CA LYS A 476 5.97 -6.41 -3.98
C LYS A 476 5.55 -5.19 -4.80
N PRO A 477 4.88 -4.20 -4.20
CA PRO A 477 4.59 -2.97 -4.95
C PRO A 477 5.89 -2.36 -5.44
N THR A 478 6.04 -2.30 -6.76
CA THR A 478 7.32 -1.89 -7.36
C THR A 478 7.74 -0.51 -6.91
N GLU A 479 6.78 0.32 -6.46
CA GLU A 479 7.07 1.61 -5.86
C GLU A 479 8.14 1.50 -4.77
N GLN A 480 8.32 0.30 -4.19
CA GLN A 480 9.30 0.09 -3.15
C GLN A 480 10.73 0.09 -3.69
N ASP A 481 10.96 -0.47 -4.86
CA ASP A 481 12.30 -0.73 -5.35
C ASP A 481 12.90 0.42 -6.13
N GLN A 482 12.20 1.57 -6.22
CA GLN A 482 12.67 2.72 -7.00
C GLN A 482 13.28 3.77 -6.06
N PHE A 483 14.59 3.80 -5.98
CA PHE A 483 15.32 4.78 -5.17
C PHE A 483 16.79 4.78 -5.63
N SER A 484 17.57 5.71 -5.11
CA SER A 484 18.99 5.74 -5.43
C SER A 484 19.74 6.15 -4.17
N LEU A 485 21.00 6.51 -4.34
CA LEU A 485 21.77 6.88 -3.18
C LEU A 485 22.36 8.29 -3.35
N ASN B 21 6.56 12.20 26.13
CA ASN B 21 5.27 11.56 26.46
C ASN B 21 4.23 12.60 26.90
N PRO B 22 2.93 12.42 26.47
CA PRO B 22 1.88 13.40 26.81
C PRO B 22 1.24 13.26 28.18
N VAL B 23 0.97 12.03 28.62
CA VAL B 23 0.33 11.86 29.92
C VAL B 23 1.31 12.18 31.04
N MET B 24 2.60 11.89 30.82
CA MET B 24 3.68 12.26 31.75
C MET B 24 3.68 13.76 32.04
N ILE B 25 3.80 14.57 30.99
CA ILE B 25 3.86 16.02 31.14
C ILE B 25 2.54 16.57 31.67
N LEU B 26 1.40 16.03 31.19
CA LEU B 26 0.11 16.53 31.64
C LEU B 26 -0.13 16.24 33.12
N ASN B 27 0.28 15.07 33.61
CA ASN B 27 0.09 14.71 35.01
C ASN B 27 1.18 15.22 35.93
N GLU B 28 2.29 15.73 35.39
CA GLU B 28 3.17 16.53 36.25
C GLU B 28 2.68 17.97 36.33
N LEU B 29 2.17 18.53 35.23
CA LEU B 29 1.74 19.92 35.22
C LEU B 29 0.49 20.13 36.08
N ARG B 30 -0.49 19.23 35.97
CA ARG B 30 -1.68 19.24 36.82
C ARG B 30 -1.83 17.84 37.42
N PRO B 31 -1.10 17.55 38.51
CA PRO B 31 -1.12 16.18 39.06
C PRO B 31 -2.44 15.77 39.66
N GLY B 32 -3.23 16.72 40.14
CA GLY B 32 -4.59 16.41 40.55
C GLY B 32 -5.47 16.34 39.33
N LEU B 33 -5.34 15.26 38.57
CA LEU B 33 -6.09 15.05 37.35
C LEU B 33 -6.73 13.66 37.37
N LYS B 34 -7.95 13.57 36.84
CA LYS B 34 -8.66 12.30 36.73
C LYS B 34 -9.36 12.25 35.39
N TYR B 35 -9.02 11.24 34.60
CA TYR B 35 -9.60 11.00 33.28
C TYR B 35 -10.80 10.05 33.40
N ASP B 36 -11.66 10.10 32.38
CA ASP B 36 -12.95 9.40 32.39
C ASP B 36 -13.09 8.50 31.18
N PHE B 37 -13.65 7.30 31.38
CA PHE B 37 -13.85 6.33 30.31
C PHE B 37 -15.31 6.37 29.87
N LEU B 38 -15.54 6.77 28.62
CA LEU B 38 -16.89 7.04 28.11
C LEU B 38 -17.54 5.78 27.53
N SER B 39 -16.95 5.22 26.49
CA SER B 39 -17.54 4.07 25.82
C SER B 39 -16.48 3.40 24.95
N GLU B 40 -16.87 2.26 24.38
CA GLU B 40 -16.05 1.35 23.58
C GLU B 40 -16.80 1.04 22.28
N SER B 41 -16.19 0.22 21.43
CA SER B 41 -16.87 -0.27 20.23
C SER B 41 -16.00 -1.35 19.59
N GLY B 42 -16.61 -2.10 18.66
CA GLY B 42 -15.89 -3.08 17.85
C GLY B 42 -15.66 -4.41 18.53
N GLU B 43 -14.69 -5.14 17.98
CA GLU B 43 -14.17 -6.42 18.48
C GLU B 43 -13.13 -6.89 17.47
N SER B 44 -12.26 -7.82 17.87
CA SER B 44 -11.13 -8.26 17.06
C SER B 44 -10.19 -7.08 16.87
N HIS B 45 -9.78 -6.85 15.62
CA HIS B 45 -9.06 -5.63 15.27
C HIS B 45 -9.88 -4.38 15.58
N ALA B 46 -11.13 -4.33 15.08
CA ALA B 46 -11.97 -3.16 15.29
C ALA B 46 -12.23 -2.97 16.77
N LYS B 47 -11.64 -1.94 17.36
CA LYS B 47 -11.91 -1.57 18.74
C LYS B 47 -11.48 -0.12 18.92
N SER B 48 -12.40 0.74 19.33
CA SER B 48 -12.19 2.18 19.39
C SER B 48 -12.57 2.69 20.77
N PHE B 49 -11.71 3.50 21.36
CA PHE B 49 -11.93 4.01 22.71
C PHE B 49 -11.91 5.54 22.70
N VAL B 50 -12.81 6.12 23.49
CA VAL B 50 -12.89 7.56 23.69
C VAL B 50 -12.64 7.83 25.17
N MET B 51 -11.64 8.67 25.46
CA MET B 51 -11.31 9.09 26.82
C MET B 51 -11.41 10.61 26.91
N SER B 52 -12.02 11.10 27.98
CA SER B 52 -12.22 12.53 28.21
C SER B 52 -11.59 12.98 29.52
N VAL B 53 -10.75 14.01 29.45
CA VAL B 53 -10.15 14.64 30.62
C VAL B 53 -10.74 16.05 30.74
N VAL B 54 -10.68 16.60 31.95
CA VAL B 54 -11.05 17.98 32.23
C VAL B 54 -9.97 18.55 33.13
N VAL B 55 -9.19 19.51 32.61
CA VAL B 55 -8.14 20.17 33.37
C VAL B 55 -8.44 21.66 33.40
N ASP B 56 -8.42 22.25 34.60
CA ASP B 56 -8.68 23.67 34.84
C ASP B 56 -10.13 24.07 34.50
N GLY B 57 -11.05 23.09 34.44
CA GLY B 57 -12.43 23.31 34.06
C GLY B 57 -12.75 23.04 32.60
N GLN B 58 -11.77 23.22 31.71
CA GLN B 58 -11.97 22.97 30.29
C GLN B 58 -11.88 21.47 30.00
N PHE B 59 -12.75 21.00 29.11
CA PHE B 59 -12.89 19.58 28.78
C PHE B 59 -12.15 19.25 27.48
N PHE B 60 -11.70 18.00 27.36
CA PHE B 60 -10.96 17.53 26.20
C PHE B 60 -11.33 16.07 25.93
N GLU B 61 -10.91 15.54 24.78
CA GLU B 61 -11.15 14.13 24.46
C GLU B 61 -10.18 13.64 23.39
N GLY B 62 -10.10 12.31 23.26
CA GLY B 62 -9.21 11.67 22.31
C GLY B 62 -9.58 10.24 22.03
N SER B 63 -9.07 9.70 20.91
CA SER B 63 -9.49 8.40 20.40
C SER B 63 -8.32 7.58 19.89
N GLY B 64 -8.41 6.27 20.15
CA GLY B 64 -7.45 5.28 19.67
C GLY B 64 -7.95 3.89 20.02
N ARG B 65 -7.33 2.88 19.39
CA ARG B 65 -7.83 1.50 19.53
C ARG B 65 -7.65 0.94 20.94
N ASN B 66 -6.62 1.38 21.67
CA ASN B 66 -6.41 1.00 23.05
C ASN B 66 -6.63 2.22 23.95
N LYS B 67 -6.89 1.94 25.23
CA LYS B 67 -7.28 3.00 26.16
C LYS B 67 -6.13 3.99 26.40
N LYS B 68 -4.90 3.50 26.46
CA LYS B 68 -3.77 4.37 26.76
C LYS B 68 -3.55 5.41 25.67
N LEU B 69 -3.84 5.07 24.40
CA LEU B 69 -3.70 6.05 23.32
C LEU B 69 -4.82 7.08 23.35
N ALA B 70 -6.05 6.64 23.68
CA ALA B 70 -7.15 7.59 23.78
C ALA B 70 -6.88 8.62 24.87
N LYS B 71 -6.42 8.16 26.03
CA LYS B 71 -6.04 9.07 27.10
C LYS B 71 -4.88 9.96 26.69
N ALA B 72 -3.93 9.40 25.93
CA ALA B 72 -2.77 10.18 25.49
C ALA B 72 -3.18 11.32 24.54
N ARG B 73 -4.15 11.06 23.65
CA ARG B 73 -4.65 12.10 22.75
C ARG B 73 -5.49 13.13 23.49
N ALA B 74 -6.27 12.70 24.48
CA ALA B 74 -6.96 13.67 25.33
C ALA B 74 -5.96 14.56 26.05
N ALA B 75 -4.87 13.98 26.55
CA ALA B 75 -3.83 14.76 27.23
C ALA B 75 -3.12 15.71 26.26
N GLN B 76 -2.89 15.27 25.02
CA GLN B 76 -2.33 16.14 24.00
C GLN B 76 -3.25 17.33 23.72
N SER B 77 -4.56 17.09 23.65
CA SER B 77 -5.52 18.17 23.46
C SER B 77 -5.45 19.17 24.61
N ALA B 78 -5.47 18.66 25.84
CA ALA B 78 -5.39 19.52 27.02
C ALA B 78 -4.11 20.36 27.00
N LEU B 79 -2.98 19.73 26.67
CA LEU B 79 -1.70 20.43 26.65
C LEU B 79 -1.68 21.53 25.60
N ALA B 80 -2.07 21.20 24.36
CA ALA B 80 -1.98 22.17 23.27
C ALA B 80 -2.93 23.35 23.47
N ALA B 81 -4.10 23.12 24.05
CA ALA B 81 -4.97 24.25 24.34
C ALA B 81 -4.45 25.08 25.50
N ILE B 82 -4.33 24.48 26.69
CA ILE B 82 -4.08 25.25 27.90
C ILE B 82 -2.66 25.77 27.95
N PHE B 83 -1.66 24.90 27.73
CA PHE B 83 -0.28 25.38 27.76
C PHE B 83 0.26 25.72 26.36
N ASN B 84 0.54 24.70 25.54
CA ASN B 84 1.30 24.80 24.27
C ASN B 84 1.35 23.43 23.59
N LEU B 85 1.86 23.43 22.35
CA LEU B 85 1.99 22.22 21.53
C LEU B 85 3.29 21.47 21.81
N HIS B 86 3.24 20.13 21.68
CA HIS B 86 4.40 19.28 21.89
C HIS B 86 5.25 19.19 20.62
N LEU B 87 6.50 18.77 20.79
CA LEU B 87 7.45 18.56 19.69
C LEU B 87 6.79 17.75 18.59
N ASP B 88 6.59 18.39 17.44
CA ASP B 88 5.69 17.90 16.41
C ASP B 88 6.45 17.60 15.14
N GLN B 89 6.07 16.49 14.48
CA GLN B 89 6.63 16.16 13.18
C GLN B 89 6.11 17.16 12.14
N THR B 90 7.01 17.95 11.58
CA THR B 90 6.57 19.12 10.82
C THR B 90 5.76 18.81 9.56
N PRO B 91 5.90 17.66 8.88
CA PRO B 91 4.97 17.38 7.76
C PRO B 91 3.50 17.31 8.16
N SER B 92 3.18 17.17 9.45
CA SER B 92 1.81 17.15 9.95
C SER B 92 1.20 18.56 10.11
N ARG B 93 1.82 19.60 9.52
CA ARG B 93 1.37 20.99 9.54
C ARG B 93 0.26 21.19 8.50
N GLN B 94 -0.05 22.43 8.11
CA GLN B 94 -1.13 22.59 7.15
C GLN B 94 -0.92 23.75 6.17
N PRO B 95 -0.91 23.49 4.87
CA PRO B 95 -0.91 24.60 3.89
C PRO B 95 -2.18 25.43 3.99
N ILE B 96 -2.01 26.74 4.03
CA ILE B 96 -3.11 27.66 4.23
C ILE B 96 -3.85 27.88 2.91
N PRO B 97 -5.15 28.34 2.93
CA PRO B 97 -5.92 28.41 1.67
C PRO B 97 -5.41 29.43 0.66
N SER B 98 -6.15 29.60 -0.43
CA SER B 98 -5.64 30.36 -1.58
C SER B 98 -5.55 31.85 -1.28
N GLU B 99 -6.69 32.50 -1.00
CA GLU B 99 -6.76 33.95 -0.77
C GLU B 99 -7.65 34.19 0.46
N GLY B 100 -7.04 34.13 1.65
CA GLY B 100 -7.75 34.42 2.89
C GLY B 100 -7.51 33.50 4.08
N LEU B 101 -7.93 33.98 5.26
CA LEU B 101 -7.97 33.20 6.50
C LEU B 101 -9.24 33.64 7.23
N GLN B 102 -10.36 32.93 6.96
CA GLN B 102 -11.68 33.42 7.34
C GLN B 102 -12.62 32.39 7.97
N LEU B 103 -12.19 31.15 8.24
CA LEU B 103 -13.03 30.19 8.98
C LEU B 103 -12.22 29.59 10.14
N HIS B 104 -12.12 30.33 11.25
CA HIS B 104 -11.33 29.97 12.42
C HIS B 104 -9.94 29.45 12.04
N LEU B 105 -9.31 28.73 12.95
CA LEU B 105 -7.97 28.27 12.67
C LEU B 105 -7.99 26.94 11.91
N PRO B 106 -6.94 26.65 11.13
CA PRO B 106 -6.97 25.45 10.27
C PRO B 106 -7.14 24.12 11.01
N GLN B 107 -6.36 23.88 12.07
CA GLN B 107 -6.52 22.64 12.81
C GLN B 107 -7.85 22.61 13.56
N VAL B 108 -8.29 23.76 14.09
CA VAL B 108 -9.58 23.77 14.79
C VAL B 108 -10.71 23.56 13.79
N LEU B 109 -10.64 24.22 12.62
CA LEU B 109 -11.62 23.94 11.59
C LEU B 109 -11.64 22.45 11.25
N ALA B 110 -10.46 21.87 11.00
CA ALA B 110 -10.39 20.48 10.56
C ALA B 110 -10.95 19.52 11.61
N ASP B 111 -10.58 19.72 12.88
CA ASP B 111 -11.13 18.87 13.93
C ASP B 111 -12.64 19.02 14.00
N ALA B 112 -13.13 20.25 13.76
CA ALA B 112 -14.57 20.48 13.74
C ALA B 112 -15.24 19.63 12.68
N VAL B 113 -14.68 19.63 11.46
CA VAL B 113 -15.33 18.89 10.37
C VAL B 113 -15.24 17.39 10.61
N SER B 114 -14.13 16.92 11.19
CA SER B 114 -14.07 15.51 11.56
C SER B 114 -15.21 15.15 12.49
N ARG B 115 -15.36 15.91 13.57
CA ARG B 115 -16.40 15.57 14.52
C ARG B 115 -17.79 15.64 13.89
N LEU B 116 -18.04 16.64 13.05
CA LEU B 116 -19.36 16.79 12.41
C LEU B 116 -19.70 15.62 11.48
N VAL B 117 -18.74 15.22 10.64
CA VAL B 117 -18.96 14.09 9.73
C VAL B 117 -19.21 12.81 10.53
N LEU B 118 -18.38 12.58 11.55
CA LEU B 118 -18.58 11.40 12.38
C LEU B 118 -19.94 11.45 13.09
N GLY B 119 -20.35 12.64 13.54
CA GLY B 119 -21.63 12.76 14.20
C GLY B 119 -22.78 12.34 13.30
N LYS B 120 -22.84 12.90 12.09
CA LYS B 120 -23.97 12.57 11.21
C LYS B 120 -23.94 11.10 10.81
N PHE B 121 -22.75 10.55 10.57
CA PHE B 121 -22.64 9.12 10.25
C PHE B 121 -23.12 8.25 11.40
N GLY B 122 -22.84 8.67 12.64
CA GLY B 122 -23.43 7.99 13.78
C GLY B 122 -24.94 8.04 13.76
N ASP B 123 -25.49 9.22 13.46
CA ASP B 123 -26.94 9.34 13.37
C ASP B 123 -27.51 8.37 12.35
N LEU B 124 -26.89 8.32 11.18
CA LEU B 124 -27.34 7.47 10.10
C LEU B 124 -27.13 5.98 10.35
N THR B 125 -26.26 5.58 11.28
CA THR B 125 -26.13 4.17 11.61
C THR B 125 -26.56 3.86 13.04
N ASP B 126 -27.48 4.65 13.60
CA ASP B 126 -27.99 4.45 14.96
C ASP B 126 -26.85 4.36 15.97
N ASN B 127 -26.05 5.43 15.99
CA ASN B 127 -24.83 5.56 16.80
C ASN B 127 -23.87 4.40 16.56
N PHE B 128 -23.43 4.30 15.29
CA PHE B 128 -22.38 3.39 14.81
C PHE B 128 -22.74 1.92 15.04
N SER B 129 -24.00 1.65 15.36
CA SER B 129 -24.44 0.29 15.66
C SER B 129 -24.79 -0.49 14.40
N SER B 130 -25.54 0.14 13.46
CA SER B 130 -26.07 -0.46 12.23
C SER B 130 -24.98 -1.23 11.48
N PRO B 131 -25.33 -2.30 10.75
CA PRO B 131 -24.27 -3.13 10.14
C PRO B 131 -23.49 -2.40 9.08
N HIS B 132 -24.01 -1.28 8.56
CA HIS B 132 -23.36 -0.55 7.48
C HIS B 132 -22.36 0.49 7.99
N ALA B 133 -22.12 0.55 9.28
CA ALA B 133 -21.07 1.40 9.79
C ALA B 133 -19.73 0.68 9.84
N ARG B 134 -19.65 -0.56 9.35
CA ARG B 134 -18.43 -1.34 9.40
C ARG B 134 -17.46 -0.93 8.29
N ARG B 135 -17.29 0.37 8.10
CA ARG B 135 -16.71 0.93 6.89
C ARG B 135 -15.19 1.02 7.00
N LYS B 136 -14.52 1.06 5.85
CA LYS B 136 -13.08 1.29 5.83
C LYS B 136 -12.71 2.73 5.51
N VAL B 137 -13.51 3.43 4.70
CA VAL B 137 -13.24 4.82 4.32
C VAL B 137 -14.51 5.66 4.47
N LEU B 138 -14.43 6.71 5.28
CA LEU B 138 -15.52 7.66 5.46
C LEU B 138 -15.16 8.96 4.74
N ALA B 139 -16.15 9.56 4.08
CA ALA B 139 -15.98 10.87 3.46
C ALA B 139 -17.22 11.71 3.72
N GLY B 140 -17.07 13.02 3.62
CA GLY B 140 -18.21 13.92 3.81
C GLY B 140 -17.92 15.29 3.27
N VAL B 141 -19.00 16.02 2.96
CA VAL B 141 -18.90 17.44 2.66
C VAL B 141 -19.57 18.20 3.79
N VAL B 142 -18.95 19.29 4.22
CA VAL B 142 -19.57 20.14 5.21
C VAL B 142 -19.67 21.54 4.61
N MET B 143 -20.64 22.32 5.08
CA MET B 143 -20.89 23.65 4.54
C MET B 143 -20.82 24.65 5.67
N THR B 144 -20.09 25.74 5.43
CA THR B 144 -19.93 26.82 6.39
C THR B 144 -20.51 28.10 5.78
N THR B 145 -21.42 28.74 6.51
CA THR B 145 -21.93 30.04 6.10
C THR B 145 -21.16 31.20 6.73
N GLY B 146 -20.35 30.94 7.75
CA GLY B 146 -19.61 32.02 8.39
C GLY B 146 -18.68 31.50 9.46
N THR B 147 -18.06 32.46 10.16
CA THR B 147 -17.01 32.16 11.13
C THR B 147 -17.53 31.35 12.32
N ASP B 148 -18.79 31.54 12.68
CA ASP B 148 -19.34 30.86 13.86
C ASP B 148 -19.34 29.36 13.66
N VAL B 149 -19.04 28.62 14.75
CA VAL B 149 -19.08 27.16 14.71
C VAL B 149 -20.50 26.64 14.52
N LYS B 150 -21.50 27.50 14.76
CA LYS B 150 -22.92 27.18 14.63
C LYS B 150 -23.41 27.24 13.17
N ASP B 151 -22.65 27.85 12.26
CA ASP B 151 -22.98 27.87 10.85
C ASP B 151 -22.57 26.60 10.12
N ALA B 152 -22.18 25.56 10.85
CA ALA B 152 -21.73 24.31 10.24
C ALA B 152 -22.92 23.41 9.96
N LYS B 153 -23.01 22.91 8.73
CA LYS B 153 -24.08 21.98 8.39
C LYS B 153 -23.50 20.86 7.52
N VAL B 154 -23.71 19.62 7.93
CA VAL B 154 -23.17 18.50 7.16
C VAL B 154 -24.04 18.29 5.94
N ILE B 155 -23.41 18.32 4.77
CA ILE B 155 -24.12 18.27 3.49
C ILE B 155 -24.30 16.84 3.00
N SER B 156 -23.30 15.99 3.19
CA SER B 156 -23.47 14.62 2.77
C SER B 156 -22.47 13.76 3.51
N VAL B 157 -22.74 12.45 3.52
CA VAL B 157 -21.90 11.48 4.20
C VAL B 157 -21.81 10.21 3.34
N SER B 158 -20.62 9.59 3.28
CA SER B 158 -20.43 8.47 2.38
C SER B 158 -19.34 7.53 2.86
N THR B 159 -19.46 6.24 2.49
CA THR B 159 -18.40 5.25 2.63
C THR B 159 -18.23 4.47 1.33
N GLY B 160 -17.17 3.64 1.26
CA GLY B 160 -16.98 2.72 0.15
C GLY B 160 -15.60 2.75 -0.46
N THR B 161 -15.01 1.59 -0.78
CA THR B 161 -13.62 1.54 -1.27
C THR B 161 -13.49 0.61 -2.48
N LYS B 162 -14.57 0.46 -3.25
CA LYS B 162 -14.57 -0.40 -4.42
C LYS B 162 -15.24 0.35 -5.59
N CYS B 163 -15.23 -0.30 -6.76
CA CYS B 163 -15.70 0.27 -8.01
C CYS B 163 -16.49 -0.78 -8.77
N ILE B 164 -17.34 -0.30 -9.68
CA ILE B 164 -18.08 -1.21 -10.55
C ILE B 164 -17.09 -2.10 -11.30
N ASN B 165 -17.39 -3.40 -11.32
CA ASN B 165 -16.64 -4.30 -12.18
C ASN B 165 -17.19 -4.21 -13.60
N GLY B 166 -16.34 -4.49 -14.58
CA GLY B 166 -16.66 -4.15 -15.96
C GLY B 166 -18.02 -4.62 -16.42
N GLU B 167 -18.37 -5.88 -16.11
CA GLU B 167 -19.56 -6.51 -16.69
C GLU B 167 -20.87 -6.07 -16.04
N TYR B 168 -20.84 -5.14 -15.09
CA TYR B 168 -22.06 -4.61 -14.50
C TYR B 168 -22.30 -3.14 -14.88
N MET B 169 -21.69 -2.67 -15.97
CA MET B 169 -21.89 -1.29 -16.40
C MET B 169 -23.07 -1.20 -17.36
N SER B 170 -23.84 -0.13 -17.21
CA SER B 170 -25.11 0.05 -17.91
C SER B 170 -24.93 1.09 -19.01
N ASP B 171 -25.28 0.69 -20.23
CA ASP B 171 -25.41 1.64 -21.33
C ASP B 171 -26.53 2.64 -21.10
N ARG B 172 -27.39 2.39 -20.11
CA ARG B 172 -28.49 3.29 -19.78
C ARG B 172 -28.16 4.23 -18.63
N GLY B 173 -26.91 4.23 -18.15
CA GLY B 173 -26.54 5.11 -17.05
C GLY B 173 -27.25 4.85 -15.73
N LEU B 174 -27.75 3.63 -15.50
CA LEU B 174 -28.41 3.29 -14.24
C LEU B 174 -27.53 2.50 -13.29
N ALA B 175 -26.23 2.47 -13.53
CA ALA B 175 -25.31 1.75 -12.67
C ALA B 175 -24.13 2.66 -12.34
N LEU B 176 -23.76 2.68 -11.05
CA LEU B 176 -22.74 3.58 -10.55
C LEU B 176 -21.35 3.09 -10.93
N ASN B 177 -20.57 3.97 -11.57
CA ASN B 177 -19.21 3.62 -12.00
C ASN B 177 -18.24 3.54 -10.82
N ASP B 178 -17.97 4.68 -10.18
CA ASP B 178 -16.97 4.75 -9.13
C ASP B 178 -17.70 4.93 -7.81
N CYS B 179 -17.52 3.95 -6.90
CA CYS B 179 -18.09 3.98 -5.56
C CYS B 179 -17.05 4.30 -4.48
N HIS B 180 -15.87 4.77 -4.84
CA HIS B 180 -14.96 5.18 -3.79
C HIS B 180 -15.60 6.31 -2.99
N ALA B 181 -15.25 6.39 -1.72
CA ALA B 181 -16.10 7.10 -0.78
C ALA B 181 -16.14 8.59 -1.08
N GLU B 182 -14.97 9.23 -1.22
CA GLU B 182 -14.99 10.67 -1.44
C GLU B 182 -15.73 11.02 -2.73
N ILE B 183 -15.56 10.20 -3.77
CA ILE B 183 -16.32 10.40 -5.01
C ILE B 183 -17.82 10.38 -4.72
N ILE B 184 -18.26 9.38 -3.95
CA ILE B 184 -19.69 9.26 -3.69
C ILE B 184 -20.18 10.49 -2.92
N SER B 185 -19.34 11.04 -2.05
CA SER B 185 -19.75 12.26 -1.35
C SER B 185 -19.81 13.47 -2.28
N ARG B 186 -18.98 13.50 -3.35
CA ARG B 186 -19.13 14.60 -4.32
C ARG B 186 -20.46 14.48 -5.06
N ARG B 187 -20.83 13.27 -5.46
CA ARG B 187 -22.10 13.11 -6.17
C ARG B 187 -23.27 13.47 -5.24
N SER B 188 -23.18 13.10 -3.96
CA SER B 188 -24.19 13.56 -3.00
C SER B 188 -24.21 15.08 -2.89
N LEU B 189 -23.03 15.70 -2.87
CA LEU B 189 -22.97 17.15 -2.87
C LEU B 189 -23.80 17.69 -4.01
N LEU B 190 -23.60 17.12 -5.21
CA LEU B 190 -24.33 17.55 -6.40
C LEU B 190 -25.84 17.50 -6.16
N ARG B 191 -26.32 16.42 -5.53
CA ARG B 191 -27.76 16.35 -5.25
C ARG B 191 -28.18 17.54 -4.39
N PHE B 192 -27.39 17.84 -3.36
CA PHE B 192 -27.74 18.96 -2.49
C PHE B 192 -27.79 20.28 -3.27
N LEU B 193 -26.83 20.47 -4.19
CA LEU B 193 -26.76 21.71 -4.97
C LEU B 193 -27.97 21.85 -5.90
N TYR B 194 -28.33 20.76 -6.58
CA TYR B 194 -29.53 20.78 -7.42
C TYR B 194 -30.77 21.16 -6.61
N THR B 195 -30.92 20.59 -5.41
CA THR B 195 -32.06 20.95 -4.56
C THR B 195 -32.00 22.42 -4.15
N GLN B 196 -30.81 22.94 -3.89
CA GLN B 196 -30.69 24.37 -3.60
C GLN B 196 -31.23 25.21 -4.75
N LEU B 197 -30.93 24.80 -5.98
CA LEU B 197 -31.50 25.50 -7.13
C LEU B 197 -33.02 25.31 -7.23
N GLU B 198 -33.53 24.11 -6.93
CA GLU B 198 -34.98 23.92 -6.96
C GLU B 198 -35.66 24.84 -5.96
N LEU B 199 -35.00 25.05 -4.82
CA LEU B 199 -35.47 26.02 -3.83
C LEU B 199 -35.50 27.43 -4.41
N TYR B 200 -34.43 27.82 -5.08
CA TYR B 200 -34.38 29.16 -5.66
C TYR B 200 -35.49 29.37 -6.71
N LEU B 201 -35.75 28.36 -7.53
CA LEU B 201 -36.70 28.51 -8.64
C LEU B 201 -38.09 27.99 -8.23
N ASN B 202 -38.65 28.67 -7.24
CA ASN B 202 -40.00 28.44 -6.76
C ASN B 202 -40.50 29.74 -6.17
N ASN B 203 -41.42 29.69 -5.20
CA ASN B 203 -41.87 30.89 -4.53
C ASN B 203 -40.71 31.84 -4.35
N LYS B 204 -40.84 33.05 -4.92
CA LYS B 204 -39.71 33.96 -5.07
C LYS B 204 -39.25 34.53 -3.74
N ASP B 205 -39.99 34.27 -2.65
CA ASP B 205 -39.47 34.52 -1.32
C ASP B 205 -38.42 33.47 -0.93
N ASP B 206 -38.58 32.21 -1.38
CA ASP B 206 -37.63 31.14 -1.07
C ASP B 206 -36.22 31.39 -1.63
N GLN B 207 -36.03 32.45 -2.43
CA GLN B 207 -34.72 32.74 -3.00
C GLN B 207 -33.76 33.33 -1.97
N LYS B 208 -34.26 34.06 -0.97
CA LYS B 208 -33.40 34.45 0.15
C LYS B 208 -33.02 33.25 1.03
N ARG B 209 -33.86 32.21 1.05
CA ARG B 209 -33.49 30.98 1.76
C ARG B 209 -32.47 30.15 0.99
N SER B 210 -32.27 30.42 -0.30
CA SER B 210 -31.40 29.58 -1.11
C SER B 210 -29.92 29.82 -0.75
N ILE B 211 -29.04 29.00 -1.32
CA ILE B 211 -27.60 29.27 -1.21
C ILE B 211 -27.08 30.05 -2.41
N PHE B 212 -27.94 30.33 -3.39
CA PHE B 212 -27.57 30.91 -4.67
C PHE B 212 -28.07 32.34 -4.81
N GLN B 213 -27.44 33.07 -5.73
CA GLN B 213 -27.96 34.32 -6.27
C GLN B 213 -27.72 34.33 -7.77
N LYS B 214 -28.39 35.27 -8.46
CA LYS B 214 -28.19 35.46 -9.89
C LYS B 214 -26.86 36.15 -10.16
N SER B 215 -26.06 35.57 -11.05
CA SER B 215 -24.73 36.08 -11.33
C SER B 215 -24.82 37.29 -12.24
N GLU B 216 -24.09 38.36 -11.88
CA GLU B 216 -23.97 39.49 -12.78
C GLU B 216 -23.35 39.08 -14.11
N ARG B 217 -22.43 38.10 -14.07
CA ARG B 217 -21.83 37.54 -15.27
C ARG B 217 -22.75 36.53 -15.96
N GLY B 218 -24.04 36.56 -15.64
CA GLY B 218 -25.00 35.65 -16.23
C GLY B 218 -25.08 34.32 -15.50
N GLY B 219 -26.31 33.78 -15.38
CA GLY B 219 -26.49 32.45 -14.84
C GLY B 219 -26.80 32.40 -13.36
N PHE B 220 -25.92 31.74 -12.60
CA PHE B 220 -26.07 31.63 -11.15
C PHE B 220 -24.69 31.55 -10.48
N ARG B 221 -24.55 32.24 -9.34
CA ARG B 221 -23.36 32.16 -8.51
C ARG B 221 -23.80 31.89 -7.07
N LEU B 222 -22.82 31.72 -6.20
CA LEU B 222 -23.08 31.44 -4.79
C LEU B 222 -23.05 32.73 -3.97
N LYS B 223 -23.92 32.79 -2.97
CA LYS B 223 -23.92 33.89 -2.01
C LYS B 223 -22.54 34.02 -1.38
N GLU B 224 -22.23 35.23 -0.90
CA GLU B 224 -20.93 35.48 -0.29
C GLU B 224 -20.75 34.59 0.94
N ASN B 225 -19.51 34.12 1.13
CA ASN B 225 -19.11 33.36 2.31
C ASN B 225 -19.99 32.11 2.51
N VAL B 226 -20.10 31.29 1.47
CA VAL B 226 -20.70 29.96 1.52
C VAL B 226 -19.61 28.99 1.08
N GLN B 227 -18.97 28.30 2.02
CA GLN B 227 -17.81 27.45 1.71
C GLN B 227 -18.16 25.97 1.86
N PHE B 228 -17.74 25.17 0.89
CA PHE B 228 -17.82 23.73 0.98
C PHE B 228 -16.43 23.17 1.31
N HIS B 229 -16.37 22.31 2.30
CA HIS B 229 -15.12 21.71 2.77
C HIS B 229 -15.23 20.20 2.65
N LEU B 230 -14.16 19.56 2.19
CA LEU B 230 -14.14 18.13 1.95
C LEU B 230 -13.41 17.45 3.08
N TYR B 231 -13.94 16.30 3.53
CA TYR B 231 -13.28 15.45 4.52
C TYR B 231 -13.23 14.02 3.99
N ILE B 232 -12.03 13.44 3.96
CA ILE B 232 -11.89 12.01 3.73
C ILE B 232 -11.24 11.41 4.98
N SER B 233 -11.63 10.17 5.31
CA SER B 233 -11.02 9.57 6.48
C SER B 233 -9.58 9.18 6.23
N THR B 234 -9.14 9.16 4.97
CA THR B 234 -7.75 8.84 4.66
C THR B 234 -7.27 9.68 3.48
N SER B 235 -5.97 9.64 3.26
CA SER B 235 -5.40 10.23 2.06
C SER B 235 -6.01 9.55 0.84
N PRO B 236 -6.47 10.32 -0.16
CA PRO B 236 -7.11 9.70 -1.33
C PRO B 236 -6.12 8.87 -2.11
N CYS B 237 -6.57 7.71 -2.59
CA CYS B 237 -5.73 6.79 -3.36
C CYS B 237 -5.10 7.50 -4.55
N GLY B 238 -4.07 6.88 -5.10
CA GLY B 238 -3.37 7.55 -6.18
C GLY B 238 -2.19 8.34 -5.68
N ASP B 239 -1.95 9.53 -6.23
CA ASP B 239 -0.66 10.17 -5.95
C ASP B 239 -0.56 10.70 -4.53
N ALA B 240 -1.68 11.08 -3.89
CA ALA B 240 -1.56 11.68 -2.56
C ALA B 240 -1.08 10.69 -1.51
N ARG B 241 -1.03 9.40 -1.85
CA ARG B 241 -0.79 8.35 -0.88
C ARG B 241 0.52 7.63 -1.10
N ILE B 242 1.34 8.06 -2.04
CA ILE B 242 2.54 7.29 -2.45
C ILE B 242 3.71 7.85 -1.64
N PHE B 243 3.80 7.41 -0.39
CA PHE B 243 4.94 7.77 0.44
C PHE B 243 5.07 6.76 1.56
N SER B 244 6.20 6.78 2.26
CA SER B 244 6.42 5.88 3.39
C SER B 244 6.15 6.65 4.66
N PRO B 245 4.96 6.51 5.25
CA PRO B 245 4.53 7.48 6.27
C PRO B 245 5.37 7.49 7.52
N HIS B 246 6.26 6.52 7.70
CA HIS B 246 7.13 6.50 8.86
C HIS B 246 8.54 7.00 8.57
N GLU B 247 8.73 7.83 7.54
CA GLU B 247 10.03 8.45 7.27
C GLU B 247 9.92 9.61 6.27
N PRO B 248 9.40 10.77 6.68
CA PRO B 248 9.29 11.90 5.75
C PRO B 248 10.64 12.54 5.42
N ILE B 249 10.66 13.21 4.26
CA ILE B 249 11.76 14.06 3.82
C ILE B 249 11.34 14.75 2.54
N ALA B 262 6.99 10.56 -4.99
CA ALA B 262 7.82 11.66 -5.47
C ALA B 262 7.92 11.70 -7.02
N ARG B 263 6.79 11.47 -7.70
CA ARG B 263 6.73 11.65 -9.15
C ARG B 263 5.44 12.31 -9.65
N GLY B 264 4.31 12.16 -8.97
CA GLY B 264 3.13 12.94 -9.29
C GLY B 264 2.28 12.46 -10.43
N GLN B 265 2.48 11.23 -10.88
CA GLN B 265 1.85 10.74 -12.11
C GLN B 265 0.36 10.48 -11.91
N LEU B 266 -0.30 10.11 -13.00
CA LEU B 266 -1.69 9.68 -12.95
C LEU B 266 -1.74 8.17 -12.77
N ARG B 267 -2.75 7.71 -12.05
CA ARG B 267 -2.90 6.30 -11.81
C ARG B 267 -4.35 5.90 -12.02
N THR B 268 -4.57 4.73 -12.59
CA THR B 268 -5.90 4.16 -12.66
C THR B 268 -6.14 3.32 -11.41
N LYS B 269 -7.41 3.08 -11.09
CA LYS B 269 -7.70 2.09 -10.07
C LYS B 269 -7.59 0.68 -10.66
N ILE B 270 -7.64 -0.32 -9.79
CA ILE B 270 -7.39 -1.71 -10.17
C ILE B 270 -8.67 -2.52 -9.93
N GLU B 271 -8.78 -3.64 -10.64
CA GLU B 271 -9.98 -4.46 -10.51
C GLU B 271 -9.99 -5.31 -9.24
N SER B 272 -8.82 -5.52 -8.62
CA SER B 272 -8.71 -6.31 -7.39
C SER B 272 -8.74 -5.39 -6.16
N GLY B 273 -9.92 -5.26 -5.55
CA GLY B 273 -10.05 -4.50 -4.31
C GLY B 273 -9.60 -3.05 -4.46
N GLN B 274 -8.81 -2.58 -3.50
CA GLN B 274 -8.33 -1.21 -3.43
C GLN B 274 -6.87 -1.12 -3.91
N GLY B 275 -6.46 0.09 -4.23
CA GLY B 275 -5.12 0.36 -4.76
C GLY B 275 -5.18 0.90 -6.18
N THR B 276 -4.02 1.48 -6.59
CA THR B 276 -3.87 2.11 -7.90
C THR B 276 -2.49 1.84 -8.51
N ILE B 277 -2.37 2.10 -9.81
CA ILE B 277 -1.15 1.85 -10.61
C ILE B 277 -0.96 2.92 -11.67
N PRO B 278 0.28 3.27 -12.06
CA PRO B 278 0.48 4.33 -13.04
C PRO B 278 -0.12 4.01 -14.40
N VAL B 279 -0.28 5.07 -15.19
CA VAL B 279 -0.82 4.97 -16.54
C VAL B 279 0.37 4.97 -17.51
N ARG B 280 0.06 4.79 -18.79
CA ARG B 280 1.04 4.88 -19.88
C ARG B 280 0.53 5.89 -20.92
N SER B 281 1.13 7.09 -20.95
CA SER B 281 0.69 8.23 -21.78
C SER B 281 0.83 7.98 -23.28
N ASN B 282 1.37 6.83 -23.72
CA ASN B 282 1.60 6.54 -25.13
C ASN B 282 1.58 5.02 -25.35
N ALA B 283 0.44 4.48 -25.79
CA ALA B 283 0.30 3.06 -26.10
C ALA B 283 -0.99 2.77 -26.87
N SER B 284 -2.05 2.35 -26.17
CA SER B 284 -3.33 2.03 -26.80
C SER B 284 -4.45 2.10 -25.77
N ILE B 285 -5.50 2.85 -26.10
CA ILE B 285 -6.71 2.99 -25.28
C ILE B 285 -7.61 1.78 -25.46
N GLN B 286 -8.78 1.79 -24.80
CA GLN B 286 -9.73 0.69 -24.56
C GLN B 286 -10.96 0.81 -25.48
N THR B 287 -12.00 0.02 -25.18
CA THR B 287 -13.24 -0.05 -25.95
C THR B 287 -14.45 0.05 -25.01
N TRP B 288 -15.66 -0.27 -25.50
CA TRP B 288 -16.86 -0.39 -24.66
C TRP B 288 -17.49 -1.77 -24.69
N ASP B 289 -17.39 -2.53 -25.79
CA ASP B 289 -17.61 -3.98 -25.77
C ASP B 289 -16.27 -4.71 -25.62
N GLY B 290 -15.51 -4.30 -24.61
CA GLY B 290 -14.18 -4.82 -24.37
C GLY B 290 -14.03 -5.45 -23.00
N VAL B 291 -15.07 -5.30 -22.16
CA VAL B 291 -15.18 -6.05 -20.92
C VAL B 291 -15.67 -7.45 -21.26
N LEU B 292 -15.79 -7.74 -22.57
CA LEU B 292 -16.05 -9.08 -23.07
C LEU B 292 -14.87 -9.69 -23.84
N GLN B 293 -13.77 -8.97 -24.07
CA GLN B 293 -12.60 -9.70 -24.56
C GLN B 293 -11.33 -9.62 -23.71
N GLY B 294 -10.58 -8.51 -23.77
CA GLY B 294 -9.34 -8.41 -23.01
C GLY B 294 -8.90 -7.13 -22.33
N GLU B 295 -9.22 -5.97 -22.93
CA GLU B 295 -8.64 -4.68 -22.59
C GLU B 295 -9.73 -3.78 -22.02
N ARG B 296 -9.80 -3.73 -20.70
CA ARG B 296 -10.99 -3.32 -19.95
C ARG B 296 -11.10 -1.79 -19.85
N LEU B 297 -12.10 -1.34 -19.09
CA LEU B 297 -12.28 0.07 -18.75
C LEU B 297 -11.56 0.36 -17.44
N LEU B 298 -10.57 1.25 -17.49
CA LEU B 298 -9.93 1.74 -16.28
C LEU B 298 -10.69 2.95 -15.77
N THR B 299 -10.54 3.21 -14.47
CA THR B 299 -11.19 4.34 -13.82
C THR B 299 -10.13 5.12 -13.06
N MET B 300 -10.22 6.45 -13.11
CA MET B 300 -9.16 7.30 -12.61
C MET B 300 -9.10 7.27 -11.08
N SER B 301 -7.88 7.39 -10.53
CA SER B 301 -7.67 7.40 -9.09
C SER B 301 -8.37 8.61 -8.46
N CYS B 302 -8.41 8.61 -7.13
CA CYS B 302 -9.09 9.69 -6.41
C CYS B 302 -8.27 10.97 -6.31
N SER B 303 -6.94 10.88 -6.21
CA SER B 303 -6.14 12.11 -6.23
C SER B 303 -6.24 12.82 -7.57
N ASP B 304 -6.23 12.07 -8.68
CA ASP B 304 -6.42 12.69 -9.99
C ASP B 304 -7.82 13.29 -10.13
N LYS B 305 -8.86 12.59 -9.67
CA LYS B 305 -10.19 13.18 -9.74
C LYS B 305 -10.31 14.42 -8.88
N ILE B 306 -9.59 14.48 -7.75
CA ILE B 306 -9.68 15.65 -6.90
C ILE B 306 -8.88 16.83 -7.47
N ALA B 307 -7.80 16.56 -8.19
CA ALA B 307 -7.19 17.65 -8.97
C ALA B 307 -8.14 18.13 -10.08
N ARG B 308 -8.84 17.19 -10.73
CA ARG B 308 -9.87 17.57 -11.69
C ARG B 308 -10.86 18.55 -11.07
N TRP B 309 -11.39 18.20 -9.90
CA TRP B 309 -12.30 19.10 -9.18
C TRP B 309 -11.64 20.44 -8.87
N ASN B 310 -10.35 20.43 -8.58
CA ASN B 310 -9.64 21.68 -8.29
C ASN B 310 -9.32 22.50 -9.54
N VAL B 311 -9.67 22.04 -10.75
CA VAL B 311 -9.54 22.86 -11.95
C VAL B 311 -10.87 23.19 -12.58
N VAL B 312 -11.74 22.18 -12.81
CA VAL B 312 -13.04 22.41 -13.43
C VAL B 312 -14.17 22.55 -12.42
N GLY B 313 -13.83 22.66 -11.13
CA GLY B 313 -14.85 22.73 -10.10
C GLY B 313 -15.45 21.37 -9.81
N ILE B 314 -16.46 21.38 -8.94
CA ILE B 314 -17.14 20.17 -8.51
C ILE B 314 -18.53 20.04 -9.12
N GLN B 315 -19.10 21.11 -9.66
CA GLN B 315 -20.44 21.05 -10.24
C GLN B 315 -20.50 20.10 -11.43
N GLY B 316 -19.40 19.98 -12.17
CA GLY B 316 -19.39 19.13 -13.34
C GLY B 316 -20.10 19.79 -14.51
N SER B 317 -20.19 19.02 -15.60
CA SER B 317 -20.65 19.49 -16.90
C SER B 317 -22.03 20.15 -16.90
N LEU B 318 -23.07 19.35 -16.70
CA LEU B 318 -24.42 19.87 -16.82
C LEU B 318 -24.66 21.01 -15.84
N LEU B 319 -24.25 20.83 -14.58
CA LEU B 319 -24.51 21.87 -13.60
C LEU B 319 -23.76 23.17 -13.92
N SER B 320 -22.65 23.09 -14.67
CA SER B 320 -21.96 24.32 -15.02
C SER B 320 -22.82 25.19 -15.92
N ILE B 321 -23.69 24.57 -16.73
CA ILE B 321 -24.57 25.31 -17.64
C ILE B 321 -25.62 26.06 -16.82
N PHE B 322 -25.55 25.96 -15.49
CA PHE B 322 -26.43 26.75 -14.63
C PHE B 322 -25.70 27.68 -13.69
N VAL B 323 -24.63 27.22 -13.06
CA VAL B 323 -23.99 27.97 -11.99
C VAL B 323 -22.54 28.21 -12.39
N GLU B 324 -21.96 29.26 -11.80
CA GLU B 324 -20.54 29.52 -11.96
C GLU B 324 -19.74 28.41 -11.29
N PRO B 325 -18.48 28.21 -11.70
CA PRO B 325 -17.69 27.12 -11.13
C PRO B 325 -17.57 27.18 -9.60
N ILE B 326 -17.64 26.00 -8.98
CA ILE B 326 -17.64 25.83 -7.53
C ILE B 326 -16.47 24.94 -7.14
N TYR B 327 -15.63 25.43 -6.20
CA TYR B 327 -14.48 24.68 -5.69
C TYR B 327 -14.58 24.54 -4.18
N PHE B 328 -13.83 23.57 -3.64
CA PHE B 328 -13.71 23.40 -2.20
C PHE B 328 -12.70 24.38 -1.64
N SER B 329 -12.96 24.88 -0.42
CA SER B 329 -11.91 25.68 0.22
C SER B 329 -10.97 24.87 1.10
N SER B 330 -11.41 23.73 1.62
CA SER B 330 -10.58 22.92 2.50
C SER B 330 -10.63 21.46 2.09
N ILE B 331 -9.57 20.74 2.48
CA ILE B 331 -9.51 19.29 2.40
C ILE B 331 -8.94 18.81 3.72
N ILE B 332 -9.63 17.87 4.37
CA ILE B 332 -9.23 17.36 5.68
C ILE B 332 -9.07 15.85 5.58
N LEU B 333 -7.89 15.35 5.94
CA LEU B 333 -7.58 13.92 5.89
C LEU B 333 -7.53 13.36 7.30
N GLY B 334 -8.36 12.34 7.55
CA GLY B 334 -8.40 11.76 8.87
C GLY B 334 -7.23 10.86 9.20
N SER B 335 -6.34 10.61 8.25
CA SER B 335 -5.24 9.68 8.44
C SER B 335 -4.34 9.76 7.23
N LEU B 336 -3.06 9.49 7.43
CA LEU B 336 -2.09 9.44 6.34
C LEU B 336 -1.95 10.79 5.66
N TYR B 337 -2.20 11.86 6.41
CA TYR B 337 -1.88 13.19 5.92
C TYR B 337 -0.37 13.36 5.87
N HIS B 338 0.10 14.05 4.83
CA HIS B 338 1.48 14.49 4.67
C HIS B 338 1.45 15.70 3.76
N GLY B 339 1.95 16.84 4.25
CA GLY B 339 1.74 18.10 3.55
C GLY B 339 2.30 18.10 2.13
N ASP B 340 3.50 17.53 1.97
CA ASP B 340 4.22 17.62 0.70
C ASP B 340 3.49 16.85 -0.39
N HIS B 341 3.15 15.59 -0.12
CA HIS B 341 2.59 14.73 -1.14
C HIS B 341 1.14 15.05 -1.42
N LEU B 342 0.40 15.38 -0.37
CA LEU B 342 -0.96 15.87 -0.59
C LEU B 342 -0.95 17.10 -1.49
N SER B 343 -0.11 18.08 -1.15
CA SER B 343 -0.03 19.31 -1.92
C SER B 343 0.35 19.03 -3.37
N ARG B 344 1.36 18.19 -3.59
CA ARG B 344 1.68 17.79 -4.95
C ARG B 344 0.45 17.23 -5.65
N ALA B 345 -0.28 16.35 -4.97
CA ALA B 345 -1.35 15.60 -5.61
C ALA B 345 -2.56 16.46 -5.95
N MET B 346 -2.83 17.50 -5.15
CA MET B 346 -4.06 18.28 -5.30
C MET B 346 -3.95 19.41 -6.31
N TYR B 347 -2.86 20.17 -6.28
CA TYR B 347 -2.70 21.22 -7.30
C TYR B 347 -1.30 21.33 -7.88
N GLN B 348 -0.25 21.10 -7.08
CA GLN B 348 1.12 21.42 -7.49
C GLN B 348 1.52 20.71 -8.78
N ARG B 349 1.13 19.46 -8.94
CA ARG B 349 1.58 18.74 -10.11
C ARG B 349 1.00 19.27 -11.41
N ILE B 350 0.09 20.24 -11.36
CA ILE B 350 -0.38 20.87 -12.59
C ILE B 350 -0.24 22.38 -12.54
N SER B 351 0.78 22.89 -11.82
CA SER B 351 1.14 24.31 -11.94
C SER B 351 1.17 24.75 -13.40
N ASN B 352 1.70 23.91 -14.28
CA ASN B 352 1.97 24.29 -15.67
C ASN B 352 0.71 24.61 -16.47
N ILE B 353 -0.48 24.60 -15.86
CA ILE B 353 -1.71 24.86 -16.60
C ILE B 353 -1.88 26.37 -16.81
N GLU B 354 -2.37 26.73 -17.99
CA GLU B 354 -2.65 28.12 -18.33
C GLU B 354 -3.98 28.15 -19.06
N ASP B 355 -4.24 29.26 -19.76
CA ASP B 355 -5.38 29.40 -20.67
C ASP B 355 -6.69 29.00 -19.99
N LEU B 356 -6.81 29.32 -18.70
CA LEU B 356 -8.02 28.96 -17.97
C LEU B 356 -9.21 29.79 -18.45
N PRO B 357 -10.36 29.17 -18.73
CA PRO B 357 -11.55 29.93 -19.14
C PRO B 357 -11.96 30.96 -18.09
N PRO B 358 -12.85 31.88 -18.44
CA PRO B 358 -13.31 32.85 -17.44
C PRO B 358 -14.10 32.16 -16.33
N LEU B 359 -13.88 32.63 -15.10
CA LEU B 359 -14.40 32.13 -13.84
C LEU B 359 -13.66 30.89 -13.33
N TYR B 360 -12.73 30.34 -14.12
CA TYR B 360 -11.95 29.18 -13.72
C TYR B 360 -10.58 29.61 -13.26
N THR B 361 -9.96 28.76 -12.47
CA THR B 361 -8.66 28.99 -11.87
C THR B 361 -8.24 27.70 -11.19
N LEU B 362 -6.93 27.48 -11.11
CA LEU B 362 -6.42 26.33 -10.36
C LEU B 362 -6.62 26.57 -8.86
N ASN B 363 -7.40 25.71 -8.22
CA ASN B 363 -7.83 25.95 -6.86
C ASN B 363 -6.79 25.39 -5.89
N LYS B 364 -6.23 26.27 -5.05
CA LYS B 364 -5.29 25.87 -4.02
C LYS B 364 -5.99 25.88 -2.66
N PRO B 365 -6.73 24.79 -2.27
CA PRO B 365 -7.53 24.86 -1.04
C PRO B 365 -6.73 24.52 0.19
N LEU B 366 -7.38 24.63 1.35
CA LEU B 366 -6.74 24.29 2.61
C LEU B 366 -6.47 22.79 2.69
N LEU B 367 -5.24 22.44 3.01
CA LEU B 367 -4.87 21.07 3.32
C LEU B 367 -4.62 20.97 4.81
N SER B 368 -5.21 19.97 5.47
CA SER B 368 -4.90 19.78 6.87
C SER B 368 -5.28 18.36 7.30
N GLY B 369 -4.37 17.73 8.04
CA GLY B 369 -4.70 16.54 8.76
C GLY B 369 -5.47 16.87 10.03
N ILE B 370 -5.63 15.86 10.87
CA ILE B 370 -6.33 16.06 12.13
C ILE B 370 -5.38 15.69 13.26
N SER B 371 -5.89 15.71 14.48
CA SER B 371 -5.05 15.43 15.63
C SER B 371 -5.04 13.93 15.94
N ASN B 372 -6.22 13.33 16.04
CA ASN B 372 -6.36 11.92 16.40
C ASN B 372 -6.63 11.07 15.14
N ALA B 373 -5.61 11.01 14.29
CA ALA B 373 -5.64 10.25 13.05
C ALA B 373 -6.04 8.80 13.27
N GLU B 374 -6.96 8.31 12.42
CA GLU B 374 -7.42 6.93 12.51
C GLU B 374 -6.29 5.96 12.23
N ALA B 375 -6.38 4.76 12.79
CA ALA B 375 -5.32 3.78 12.66
C ALA B 375 -5.63 2.79 11.54
N ARG B 376 -4.58 2.19 10.98
CA ARG B 376 -4.73 1.21 9.92
C ARG B 376 -5.57 0.03 10.41
N GLN B 377 -6.37 -0.54 9.52
CA GLN B 377 -7.19 -1.71 9.82
C GLN B 377 -6.96 -2.72 8.70
N PRO B 378 -5.94 -3.57 8.84
CA PRO B 378 -5.71 -4.64 7.87
C PRO B 378 -7.00 -5.41 7.60
N GLY B 379 -7.13 -5.96 6.40
CA GLY B 379 -8.29 -6.74 6.03
C GLY B 379 -8.93 -6.23 4.73
N LYS B 380 -9.91 -7.02 4.29
CA LYS B 380 -10.53 -6.73 3.00
C LYS B 380 -11.41 -5.48 3.11
N ALA B 381 -11.87 -4.99 1.94
CA ALA B 381 -12.72 -3.82 1.95
C ALA B 381 -14.18 -4.23 1.77
N PRO B 382 -15.12 -3.44 2.28
CA PRO B 382 -16.54 -3.73 2.05
C PRO B 382 -16.87 -3.71 0.57
N ASN B 383 -18.00 -4.33 0.22
CA ASN B 383 -18.55 -4.24 -1.12
C ASN B 383 -19.65 -3.21 -1.23
N PHE B 384 -19.75 -2.32 -0.27
CA PHE B 384 -20.90 -1.45 -0.16
C PHE B 384 -20.42 0.01 -0.12
N SER B 385 -21.13 0.85 -0.83
CA SER B 385 -20.97 2.30 -0.74
C SER B 385 -22.28 2.85 -0.19
N VAL B 386 -22.29 3.17 1.07
CA VAL B 386 -23.42 3.88 1.65
C VAL B 386 -23.23 5.36 1.40
N ASN B 387 -24.35 6.08 1.23
CA ASN B 387 -24.34 7.51 0.97
C ASN B 387 -25.55 8.18 1.62
N TRP B 388 -25.45 9.49 1.78
CA TRP B 388 -26.55 10.26 2.36
C TRP B 388 -26.33 11.73 2.03
N THR B 389 -27.44 12.46 1.89
CA THR B 389 -27.40 13.90 1.70
C THR B 389 -28.40 14.58 2.62
N VAL B 390 -28.10 15.84 2.94
CA VAL B 390 -28.95 16.62 3.84
C VAL B 390 -30.33 16.75 3.23
N GLY B 391 -31.35 16.53 4.05
CA GLY B 391 -32.72 16.53 3.57
C GLY B 391 -33.27 15.16 3.30
N ASP B 392 -32.41 14.17 3.06
CA ASP B 392 -32.85 12.81 2.86
C ASP B 392 -33.12 12.14 4.20
N SER B 393 -34.08 11.20 4.19
CA SER B 393 -34.51 10.55 5.40
C SER B 393 -33.43 9.62 5.94
N ALA B 394 -33.10 8.56 5.21
CA ALA B 394 -32.11 7.58 5.62
C ALA B 394 -31.02 7.47 4.56
N ILE B 395 -29.98 6.70 4.89
CA ILE B 395 -28.88 6.46 3.96
C ILE B 395 -29.36 5.60 2.82
N GLU B 396 -28.49 5.47 1.81
CA GLU B 396 -28.67 4.56 0.70
C GLU B 396 -27.45 3.65 0.61
N VAL B 397 -27.68 2.35 0.54
CA VAL B 397 -26.63 1.36 0.46
C VAL B 397 -26.53 0.88 -1.00
N ILE B 398 -25.40 1.14 -1.65
CA ILE B 398 -25.15 0.65 -3.01
C ILE B 398 -24.17 -0.50 -2.92
N ASN B 399 -24.37 -1.52 -3.75
CA ASN B 399 -23.35 -2.55 -3.92
C ASN B 399 -22.29 -1.99 -4.86
N ALA B 400 -21.08 -1.78 -4.34
CA ALA B 400 -20.07 -1.07 -5.13
C ALA B 400 -19.74 -1.81 -6.40
N THR B 401 -19.61 -3.14 -6.30
CA THR B 401 -19.14 -3.93 -7.43
C THR B 401 -20.19 -4.03 -8.53
N THR B 402 -21.47 -3.90 -8.19
CA THR B 402 -22.49 -3.86 -9.24
C THR B 402 -22.89 -2.44 -9.65
N GLY B 403 -22.70 -1.44 -8.79
CA GLY B 403 -23.06 -0.07 -9.12
C GLY B 403 -24.54 0.24 -8.97
N LYS B 404 -25.34 -0.73 -8.55
CA LYS B 404 -26.73 -0.54 -8.23
C LYS B 404 -26.93 -0.79 -6.73
N ASP B 405 -28.15 -0.55 -6.24
CA ASP B 405 -28.35 -0.65 -4.80
C ASP B 405 -28.57 -2.11 -4.39
N GLU B 406 -28.73 -2.33 -3.07
CA GLU B 406 -28.80 -3.69 -2.52
C GLU B 406 -29.92 -4.51 -3.13
N LEU B 407 -30.99 -3.88 -3.62
CA LEU B 407 -32.12 -4.58 -4.22
C LEU B 407 -32.16 -4.47 -5.75
N GLY B 408 -31.00 -4.36 -6.41
CA GLY B 408 -30.93 -4.37 -7.87
C GLY B 408 -31.39 -3.09 -8.54
N ARG B 409 -31.86 -2.12 -7.76
CA ARG B 409 -32.38 -0.86 -8.25
C ARG B 409 -31.23 0.10 -8.53
N ALA B 410 -31.43 0.99 -9.50
CA ALA B 410 -30.43 2.01 -9.71
C ALA B 410 -30.43 2.98 -8.53
N SER B 411 -29.27 3.62 -8.35
CA SER B 411 -29.06 4.53 -7.23
C SER B 411 -29.88 5.82 -7.40
N ARG B 412 -29.78 6.69 -6.40
CA ARG B 412 -30.19 8.08 -6.56
C ARG B 412 -29.02 8.95 -7.02
N LEU B 413 -27.90 8.33 -7.35
CA LEU B 413 -26.68 9.03 -7.69
C LEU B 413 -26.09 8.64 -9.04
N CYS B 414 -26.63 7.63 -9.72
CA CYS B 414 -26.10 7.23 -11.01
C CYS B 414 -26.38 8.31 -12.05
N LYS B 415 -25.73 8.18 -13.21
CA LYS B 415 -25.82 9.20 -14.24
C LYS B 415 -27.27 9.55 -14.59
N HIS B 416 -28.13 8.53 -14.72
CA HIS B 416 -29.49 8.76 -15.19
C HIS B 416 -30.28 9.65 -14.22
N ALA B 417 -30.19 9.37 -12.92
CA ALA B 417 -30.97 10.15 -11.96
C ALA B 417 -30.51 11.60 -11.88
N LEU B 418 -29.19 11.82 -11.97
CA LEU B 418 -28.67 13.20 -11.95
C LEU B 418 -29.10 13.96 -13.19
N TYR B 419 -29.08 13.31 -14.36
CA TYR B 419 -29.63 13.92 -15.57
C TYR B 419 -31.08 14.29 -15.36
N CYS B 420 -31.87 13.40 -14.74
CA CYS B 420 -33.29 13.68 -14.55
C CYS B 420 -33.52 14.88 -13.63
N ARG B 421 -32.75 14.98 -12.55
CA ARG B 421 -32.88 16.18 -11.69
C ARG B 421 -32.46 17.43 -12.46
N TRP B 422 -31.37 17.34 -13.22
CA TRP B 422 -30.96 18.48 -14.01
C TRP B 422 -32.00 18.86 -15.04
N MET B 423 -32.78 17.89 -15.52
CA MET B 423 -33.85 18.18 -16.48
C MET B 423 -35.02 18.88 -15.81
N ARG B 424 -35.38 18.42 -14.60
CA ARG B 424 -36.32 19.15 -13.77
C ARG B 424 -35.91 20.60 -13.63
N VAL B 425 -34.60 20.82 -13.45
CA VAL B 425 -34.09 22.18 -13.35
C VAL B 425 -34.23 22.93 -14.68
N HIS B 426 -33.82 22.31 -15.79
CA HIS B 426 -33.87 22.98 -17.08
C HIS B 426 -35.29 23.39 -17.44
N GLY B 427 -36.28 22.60 -17.05
CA GLY B 427 -37.66 23.00 -17.29
C GLY B 427 -38.03 24.30 -16.59
N LYS B 428 -37.60 24.46 -15.34
CA LYS B 428 -38.02 25.60 -14.54
C LYS B 428 -37.17 26.84 -14.81
N VAL B 429 -35.93 26.67 -15.25
CA VAL B 429 -35.06 27.82 -15.47
C VAL B 429 -35.58 28.62 -16.65
N PRO B 430 -35.77 29.94 -16.53
CA PRO B 430 -35.99 30.77 -17.71
C PRO B 430 -34.80 30.69 -18.65
N SER B 431 -35.06 30.69 -19.96
CA SER B 431 -34.01 30.37 -20.92
C SER B 431 -33.01 31.50 -21.07
N HIS B 432 -33.38 32.73 -20.72
CA HIS B 432 -32.44 33.85 -20.71
C HIS B 432 -31.44 33.77 -19.56
N LEU B 433 -31.68 32.94 -18.56
CA LEU B 433 -30.74 32.77 -17.45
C LEU B 433 -29.67 31.72 -17.73
N LEU B 434 -29.89 30.82 -18.69
CA LEU B 434 -28.96 29.72 -18.97
C LEU B 434 -27.56 30.27 -19.24
N ARG B 435 -26.55 29.45 -18.94
CA ARG B 435 -25.16 29.79 -19.21
C ARG B 435 -24.69 29.28 -20.58
N SER B 436 -25.58 28.68 -21.37
CA SER B 436 -25.31 28.28 -22.75
C SER B 436 -26.64 27.86 -23.39
N LYS B 437 -26.60 27.58 -24.69
CA LYS B 437 -27.82 27.24 -25.44
C LYS B 437 -27.99 25.73 -25.44
N ILE B 438 -28.87 25.24 -24.55
CA ILE B 438 -29.14 23.81 -24.43
C ILE B 438 -30.65 23.56 -24.32
N THR B 439 -31.45 24.54 -24.74
CA THR B 439 -32.91 24.50 -24.55
C THR B 439 -33.62 23.31 -25.21
N LYS B 440 -32.89 22.49 -25.97
CA LYS B 440 -33.41 21.28 -26.59
C LYS B 440 -32.53 20.09 -26.21
N PRO B 441 -32.72 19.55 -25.01
CA PRO B 441 -31.89 18.41 -24.57
C PRO B 441 -32.51 17.07 -24.94
N ASN B 442 -31.69 16.16 -25.46
CA ASN B 442 -32.16 14.79 -25.63
C ASN B 442 -31.30 13.78 -24.89
N VAL B 443 -30.00 13.70 -25.18
CA VAL B 443 -29.17 12.63 -24.64
C VAL B 443 -28.21 13.21 -23.60
N TYR B 444 -27.64 12.31 -22.80
CA TYR B 444 -26.78 12.72 -21.70
C TYR B 444 -25.47 13.35 -22.21
N HIS B 445 -24.79 12.67 -23.12
CA HIS B 445 -23.48 13.16 -23.54
C HIS B 445 -23.58 14.48 -24.29
N GLU B 446 -24.64 14.67 -25.07
CA GLU B 446 -24.80 15.93 -25.80
C GLU B 446 -25.04 17.10 -24.85
N SER B 447 -25.90 16.91 -23.85
CA SER B 447 -26.11 17.96 -22.85
C SER B 447 -24.80 18.26 -22.13
N LYS B 448 -24.01 17.23 -21.82
CA LYS B 448 -22.67 17.45 -21.29
C LYS B 448 -21.85 18.35 -22.21
N LEU B 449 -21.81 18.01 -23.51
CA LEU B 449 -21.02 18.75 -24.48
C LEU B 449 -21.55 20.16 -24.69
N ALA B 450 -22.75 20.45 -24.21
CA ALA B 450 -23.30 21.80 -24.27
C ALA B 450 -22.58 22.78 -23.37
N ALA B 451 -21.73 22.32 -22.45
CA ALA B 451 -20.91 23.22 -21.64
C ALA B 451 -19.62 23.50 -22.39
N LYS B 452 -19.62 24.56 -23.20
CA LYS B 452 -18.40 24.92 -23.94
C LYS B 452 -17.29 25.31 -22.98
N GLU B 453 -17.59 26.21 -22.03
CA GLU B 453 -16.57 26.74 -21.14
C GLU B 453 -15.99 25.64 -20.26
N TYR B 454 -16.87 24.83 -19.66
CA TYR B 454 -16.44 23.74 -18.79
C TYR B 454 -15.51 22.80 -19.54
N GLN B 455 -16.02 22.21 -20.63
CA GLN B 455 -15.22 21.27 -21.41
C GLN B 455 -13.94 21.92 -21.91
N ALA B 456 -13.92 23.25 -22.05
CA ALA B 456 -12.68 23.95 -22.38
C ALA B 456 -11.69 23.88 -21.23
N ALA B 457 -12.16 24.13 -20.00
CA ALA B 457 -11.28 24.01 -18.83
C ALA B 457 -10.79 22.59 -18.64
N LYS B 458 -11.67 21.61 -18.89
CA LYS B 458 -11.28 20.20 -19.00
C LYS B 458 -10.11 20.00 -19.95
N ALA B 459 -10.28 20.41 -21.21
CA ALA B 459 -9.24 20.18 -22.21
C ALA B 459 -7.94 20.83 -21.79
N ARG B 460 -8.02 21.99 -21.14
CA ARG B 460 -6.82 22.63 -20.62
C ARG B 460 -6.17 21.77 -19.55
N LEU B 461 -6.96 21.17 -18.66
CA LEU B 461 -6.42 20.31 -17.62
C LEU B 461 -5.71 19.10 -18.23
N PHE B 462 -6.33 18.50 -19.26
CA PHE B 462 -5.77 17.30 -19.89
C PHE B 462 -4.43 17.64 -20.53
N THR B 463 -4.38 18.74 -21.30
CA THR B 463 -3.10 19.11 -21.92
C THR B 463 -2.07 19.52 -20.85
N ALA B 464 -2.52 20.08 -19.71
CA ALA B 464 -1.59 20.42 -18.63
C ALA B 464 -0.97 19.17 -18.01
N PHE B 465 -1.77 18.12 -17.83
CA PHE B 465 -1.26 16.86 -17.32
C PHE B 465 -0.35 16.15 -18.33
N ILE B 466 -0.70 16.19 -19.62
CA ILE B 466 0.15 15.54 -20.62
C ILE B 466 1.47 16.28 -20.75
N LYS B 467 1.41 17.62 -20.91
CA LYS B 467 2.64 18.41 -21.05
C LYS B 467 3.47 18.38 -19.78
N ALA B 468 2.83 18.23 -18.62
CA ALA B 468 3.56 17.94 -17.40
C ALA B 468 4.31 16.61 -17.49
N GLY B 469 3.91 15.74 -18.42
CA GLY B 469 4.52 14.44 -18.57
C GLY B 469 3.96 13.35 -17.69
N LEU B 470 2.79 13.57 -17.08
CA LEU B 470 2.24 12.68 -16.07
C LEU B 470 1.29 11.66 -16.64
N GLY B 471 0.61 11.96 -17.72
CA GLY B 471 -0.18 10.93 -18.39
C GLY B 471 -1.41 11.52 -19.04
N ALA B 472 -2.07 10.66 -19.80
CA ALA B 472 -3.29 11.00 -20.52
C ALA B 472 -4.44 10.35 -19.78
N TRP B 473 -5.26 11.18 -19.13
CA TRP B 473 -6.49 10.75 -18.49
C TRP B 473 -7.18 9.65 -19.28
N VAL B 474 -7.50 8.54 -18.61
CA VAL B 474 -8.24 7.47 -19.27
C VAL B 474 -9.67 7.95 -19.43
N GLU B 475 -10.09 8.22 -20.66
CA GLU B 475 -11.43 8.74 -20.92
C GLU B 475 -12.38 7.56 -21.02
N LYS B 476 -13.39 7.52 -20.13
CA LYS B 476 -14.35 6.43 -20.13
C LYS B 476 -15.15 6.44 -21.43
N PRO B 477 -15.52 5.27 -21.97
CA PRO B 477 -16.15 5.23 -23.30
C PRO B 477 -17.42 6.07 -23.32
N THR B 478 -17.60 6.79 -24.43
CA THR B 478 -18.74 7.69 -24.58
C THR B 478 -20.07 6.94 -24.67
N GLU B 479 -20.03 5.63 -24.90
CA GLU B 479 -21.19 4.83 -25.23
C GLU B 479 -22.09 4.53 -24.03
N GLN B 480 -21.66 4.86 -22.80
CA GLN B 480 -22.56 4.79 -21.65
C GLN B 480 -23.25 6.12 -21.38
N ASP B 481 -22.80 7.20 -22.01
CA ASP B 481 -23.51 8.47 -21.96
C ASP B 481 -24.51 8.61 -23.09
N GLN B 482 -24.60 7.62 -23.97
CA GLN B 482 -25.54 7.66 -25.08
C GLN B 482 -26.87 7.03 -24.65
N PHE B 483 -27.51 7.72 -23.71
CA PHE B 483 -28.85 7.39 -23.27
C PHE B 483 -29.62 8.70 -23.15
N SER B 484 -30.93 8.59 -23.06
CA SER B 484 -31.77 9.75 -22.84
C SER B 484 -32.79 9.39 -21.78
N LEU B 485 -33.63 10.35 -21.39
CA LEU B 485 -34.73 9.96 -20.52
C LEU B 485 -35.85 9.39 -21.36
N THR B 486 -35.50 8.42 -22.22
CA THR B 486 -36.37 7.89 -23.28
C THR B 486 -36.37 6.35 -23.27
P 8AZ C 13 3.46 -22.74 12.53
OP2 8AZ C 13 3.68 -23.64 13.75
OP1 8AZ C 13 3.62 -23.21 11.09
O5' 8AZ C 13 4.33 -21.41 12.72
C5' 8AZ C 13 3.94 -20.42 13.67
C4' 8AZ C 13 4.97 -19.33 13.80
O4' 8AZ C 13 6.27 -19.83 13.33
C1' 8AZ C 13 6.73 -18.98 12.29
N9 8AZ C 13 7.52 -19.77 11.32
N8 8AZ C 13 6.81 -20.87 10.80
N7 8AZ C 13 7.69 -21.48 9.85
C5 8AZ C 13 8.84 -20.78 9.80
C6 8AZ C 13 9.83 -20.86 8.70
O6 8AZ C 13 9.28 -20.69 7.37
N1 8AZ C 13 10.81 -19.80 8.88
C2 8AZ C 13 10.86 -19.05 10.15
N3 8AZ C 13 9.76 -18.82 10.89
C4 8AZ C 13 8.73 -19.65 10.76
C2' 8AZ C 13 5.47 -18.36 11.71
O2' 8AZ C 13 5.75 -17.22 10.92
C3' 8AZ C 13 4.71 -18.07 12.98
O3' 8AZ C 13 5.36 -16.98 13.62
C1 IHP E . 14.00 -10.57 -2.29
C2 IHP E . 14.90 -9.99 -3.37
C3 IHP E . 14.24 -10.25 -4.72
C4 IHP E . 12.88 -9.58 -4.77
C5 IHP E . 11.99 -10.10 -3.64
C6 IHP E . 12.65 -9.88 -2.29
O11 IHP E . 14.60 -10.48 -0.94
P1 IHP E . 14.24 -11.56 0.23
O21 IHP E . 13.23 -10.87 1.14
O31 IHP E . 13.63 -12.77 -0.48
O41 IHP E . 15.56 -11.93 0.94
O12 IHP E . 14.98 -8.53 -3.24
P2 IHP E . 16.22 -7.79 -2.53
O22 IHP E . 17.37 -8.78 -2.73
O32 IHP E . 15.93 -7.50 -1.06
O42 IHP E . 16.42 -6.51 -3.32
O13 IHP E . 15.07 -9.68 -5.79
P3 IHP E . 16.39 -10.45 -6.41
O23 IHP E . 15.80 -11.75 -6.92
O33 IHP E . 16.99 -9.61 -7.54
O43 IHP E . 17.39 -10.64 -5.25
O14 IHP E . 12.26 -9.98 -6.02
P4 IHP E . 12.25 -9.18 -7.40
O24 IHP E . 11.44 -7.90 -7.15
O34 IHP E . 13.68 -8.93 -7.84
O44 IHP E . 11.49 -10.16 -8.28
O15 IHP E . 10.67 -9.45 -3.65
P5 IHP E . 9.47 -9.66 -4.75
O25 IHP E . 9.76 -10.90 -5.60
O35 IHP E . 9.36 -8.40 -5.61
O45 IHP E . 8.23 -9.88 -3.91
O16 IHP E . 11.83 -10.51 -1.27
P6 IHP E . 10.78 -9.70 -0.37
O26 IHP E . 11.66 -8.63 0.25
O36 IHP E . 9.66 -9.16 -1.24
O46 IHP E . 10.27 -10.68 0.67
ZN ZN F . 9.19 -18.70 6.57
C1 EDO G . 2.30 -32.36 -6.81
O1 EDO G . 3.67 -32.29 -7.19
C2 EDO G . 1.41 -31.30 -7.49
O2 EDO G . 0.05 -31.33 -7.04
C1 IHP H . -17.46 11.20 -13.52
C2 IHP H . -18.50 12.18 -14.04
C3 IHP H . -17.84 13.09 -15.06
C4 IHP H . -17.39 12.28 -16.26
C5 IHP H . -16.41 11.20 -15.79
C6 IHP H . -16.98 10.33 -14.68
O11 IHP H . -18.07 10.35 -12.49
P1 IHP H . -17.48 10.23 -10.98
O21 IHP H . -17.99 8.90 -10.44
O31 IHP H . -15.98 10.23 -11.24
O41 IHP H . -17.91 11.39 -10.09
O12 IHP H . -19.54 11.43 -14.76
P2 IHP H . -21.12 11.67 -14.54
O22 IHP H . -21.61 10.66 -13.51
O32 IHP H . -21.78 11.48 -15.89
O42 IHP H . -21.23 13.10 -14.05
O13 IHP H . -18.82 14.10 -15.44
P3 IHP H . -18.42 15.61 -15.86
O23 IHP H . -17.32 16.10 -14.92
O33 IHP H . -17.96 15.59 -17.30
O43 IHP H . -19.70 16.37 -15.67
O14 IHP H . -16.70 13.14 -17.23
P4 IHP H . -16.58 13.03 -18.86
O24 IHP H . -16.74 11.59 -19.34
O34 IHP H . -17.68 13.93 -19.44
O44 IHP H . -15.18 13.56 -19.15
O15 IHP H . -16.08 10.35 -16.95
P5 IHP H . -14.56 10.01 -17.35
O25 IHP H . -13.68 11.24 -17.13
O35 IHP H . -14.67 9.65 -18.82
O45 IHP H . -14.13 8.84 -16.50
O16 IHP H . -15.96 9.41 -14.18
P6 IHP H . -16.28 7.84 -13.97
O26 IHP H . -17.59 7.73 -13.18
O36 IHP H . -16.40 7.20 -15.33
O46 IHP H . -15.07 7.34 -13.19
ZN ZN I . -10.14 6.37 -4.07
C1 EDO J . -5.59 -39.42 -10.80
O1 EDO J . -4.27 -39.76 -10.36
C2 EDO J . -6.41 -38.60 -9.82
O2 EDO J . -6.57 -37.25 -10.19
C1 EDO K . -11.14 -30.61 4.41
O1 EDO K . -10.22 -31.57 3.95
C2 EDO K . -10.50 -29.59 5.34
O2 EDO K . -9.50 -28.83 4.67
#